data_6ENE
#
_entry.id   6ENE
#
_cell.length_a   137.548
_cell.length_b   187.253
_cell.length_c   122.957
_cell.angle_alpha   90.00
_cell.angle_beta   90.00
_cell.angle_gamma   90.00
#
_symmetry.space_group_name_H-M   'C 2 2 21'
#
loop_
_entity.id
_entity.type
_entity.pdbx_description
1 polymer 'Outer membrane protein (Porin)'
2 non-polymer 'SULFATE ION'
3 non-polymer 'octyl beta-D-glucopyranoside'
4 non-polymer (HYDROXYETHYLOXY)TRI(ETHYLOXY)OCTANE
5 water water
#
_entity_poly.entity_id   1
_entity_poly.type   'polypeptide(L)'
_entity_poly.pdbx_seq_one_letter_code
;AEIYNKDGNKLDLYGKAVGLHYFSDNDGNDGDKTYARLGFKGETKINDQLTGYGQWEYNFQGNNSEGADAQSGNKTRLAF
AGLKFGDAGSFDYGRNYGLVYDAIGITDMLPEFGGDTGVSDNFFSGRTGGLATYRNSGFFGLVDGLNFGVQYLGKNERTD
ALRSNGDGWATSLSYDFDGFGIVGAYGAADRTNAQQNLQWGKGDKAEQWATGLKYDANNIYLAALYGEMRNAARLDNGFA
NKTQDFSVVAQYQFDFGLRPSIAYYKSKAKDVEGIGDEDYINYIDIGATYYFNKNMSTYVDYQINQLKDDNKLGINNDDT
VAVGLVYQF
;
_entity_poly.pdbx_strand_id   A,B,C
#
# COMPACT_ATOMS: atom_id res chain seq x y z
N ALA A 1 10.65 15.64 -0.07
CA ALA A 1 10.26 17.07 0.00
C ALA A 1 9.68 17.46 1.32
N GLU A 2 10.10 18.61 1.88
CA GLU A 2 9.49 19.12 3.10
C GLU A 2 8.14 19.75 2.74
N ILE A 3 7.04 19.15 3.19
CA ILE A 3 5.71 19.64 2.80
C ILE A 3 4.97 20.26 3.98
N TYR A 4 5.59 20.28 5.15
CA TYR A 4 4.94 20.82 6.33
C TYR A 4 6.01 21.16 7.36
N ASN A 5 5.84 22.31 8.01
CA ASN A 5 6.83 22.87 8.92
C ASN A 5 6.18 24.03 9.70
N LYS A 6 5.68 23.74 10.87
CA LYS A 6 4.78 24.64 11.56
C LYS A 6 4.86 24.30 13.02
N ASP A 7 5.09 25.32 13.85
CA ASP A 7 5.02 25.16 15.29
C ASP A 7 5.85 23.95 15.78
N GLY A 8 7.06 23.80 15.26
CA GLY A 8 7.97 22.79 15.77
C GLY A 8 7.88 21.38 15.20
N ASN A 9 6.93 21.07 14.32
CA ASN A 9 6.86 19.78 13.65
C ASN A 9 7.22 20.00 12.20
N LYS A 10 8.07 19.12 11.64
CA LYS A 10 8.31 19.04 10.21
C LYS A 10 8.03 17.65 9.67
N LEU A 11 7.62 17.61 8.41
CA LEU A 11 7.23 16.37 7.78
C LEU A 11 7.76 16.39 6.37
N ASP A 12 8.60 15.42 6.06
CA ASP A 12 9.21 15.23 4.75
C ASP A 12 8.50 14.02 4.11
N LEU A 13 7.82 14.25 2.98
CA LEU A 13 7.26 13.17 2.16
C LEU A 13 8.19 13.00 0.97
N TYR A 14 8.77 11.81 0.83
CA TYR A 14 9.81 11.56 -0.19
C TYR A 14 9.51 10.24 -0.93
N GLY A 15 10.15 10.05 -2.07
CA GLY A 15 9.91 8.85 -2.87
C GLY A 15 10.60 8.96 -4.21
N LYS A 16 10.35 7.95 -5.07
CA LYS A 16 10.92 8.00 -6.41
C LYS A 16 10.21 7.04 -7.36
N ALA A 17 10.35 7.31 -8.66
CA ALA A 17 9.87 6.42 -9.70
C ALA A 17 11.07 6.02 -10.55
N VAL A 18 11.35 4.70 -10.63
CA VAL A 18 12.58 4.19 -11.26
C VAL A 18 12.20 3.32 -12.46
N GLY A 19 12.29 3.87 -13.67
CA GLY A 19 12.14 2.98 -14.82
C GLY A 19 13.41 2.17 -15.03
N LEU A 20 13.33 0.83 -15.08
CA LEU A 20 14.51 -0.01 -15.01
C LEU A 20 14.38 -1.27 -15.87
N HIS A 21 15.44 -1.60 -16.64
CA HIS A 21 15.49 -2.78 -17.50
C HIS A 21 16.83 -3.52 -17.37
N TYR A 22 16.77 -4.86 -17.22
CA TYR A 22 17.93 -5.75 -17.16
C TYR A 22 18.12 -6.53 -18.47
N PHE A 23 19.35 -6.67 -18.90
CA PHE A 23 19.71 -7.47 -20.06
C PHE A 23 20.61 -8.59 -19.58
N SER A 24 20.17 -9.84 -19.75
CA SER A 24 20.93 -10.98 -19.26
C SER A 24 20.37 -12.28 -19.84
N ASP A 25 21.22 -13.32 -19.85
CA ASP A 25 20.86 -14.70 -20.18
C ASP A 25 20.13 -15.40 -19.02
N ASN A 26 20.16 -14.82 -17.82
CA ASN A 26 19.73 -15.48 -16.58
C ASN A 26 18.24 -15.87 -16.54
N ASP A 27 17.33 -15.02 -17.03
CA ASP A 27 15.86 -15.22 -16.99
C ASP A 27 15.23 -14.62 -15.76
N GLY A 28 15.81 -14.88 -14.58
CA GLY A 28 15.31 -14.22 -13.41
C GLY A 28 15.85 -12.83 -13.25
N ASN A 29 16.78 -12.46 -14.13
CA ASN A 29 17.47 -11.17 -14.18
C ASN A 29 17.34 -10.56 -15.57
N ASP A 30 16.19 -10.68 -16.24
CA ASP A 30 16.16 -10.13 -17.59
C ASP A 30 14.95 -9.24 -17.96
N GLY A 31 13.80 -9.41 -17.42
CA GLY A 31 12.83 -8.44 -17.94
C GLY A 31 12.84 -6.95 -17.53
N ASP A 32 11.62 -6.42 -17.49
CA ASP A 32 11.31 -5.18 -16.81
C ASP A 32 11.57 -5.31 -15.31
N LYS A 33 12.24 -4.30 -14.71
CA LYS A 33 12.50 -4.26 -13.26
C LYS A 33 12.03 -2.96 -12.59
N THR A 34 11.18 -2.17 -13.27
CA THR A 34 10.62 -0.92 -12.76
C THR A 34 10.01 -1.05 -11.36
N TYR A 35 10.22 -0.01 -10.53
CA TYR A 35 9.63 0.03 -9.20
C TYR A 35 9.51 1.49 -8.72
N ALA A 36 8.75 1.71 -7.62
CA ALA A 36 8.61 3.01 -6.99
C ALA A 36 8.76 2.91 -5.47
N ARG A 37 9.16 4.04 -4.85
CA ARG A 37 9.34 4.15 -3.39
C ARG A 37 8.53 5.32 -2.86
N LEU A 38 8.00 5.17 -1.64
CA LEU A 38 7.25 6.23 -0.96
C LEU A 38 7.57 6.14 0.53
N GLY A 39 7.75 7.28 1.19
CA GLY A 39 8.02 7.26 2.62
C GLY A 39 7.72 8.61 3.26
N PHE A 40 7.67 8.63 4.59
CA PHE A 40 7.65 9.88 5.37
C PHE A 40 8.71 9.83 6.47
N LYS A 41 9.19 11.03 6.83
CA LYS A 41 10.17 11.23 7.88
C LYS A 41 9.82 12.52 8.61
N GLY A 42 9.56 12.41 9.91
CA GLY A 42 9.09 13.53 10.69
C GLY A 42 9.93 13.75 11.94
N GLU A 43 9.83 14.96 12.47
CA GLU A 43 10.72 15.45 13.52
C GLU A 43 9.99 16.53 14.32
N THR A 44 9.95 16.43 15.66
CA THR A 44 9.20 17.37 16.50
C THR A 44 10.01 17.82 17.72
N LYS A 45 10.20 19.15 17.86
CA LYS A 45 10.96 19.72 18.98
C LYS A 45 10.13 19.68 20.24
N ILE A 46 10.58 18.93 21.24
CA ILE A 46 9.85 18.79 22.49
C ILE A 46 10.32 19.84 23.49
N ASN A 47 11.63 19.90 23.69
CA ASN A 47 12.27 20.98 24.44
C ASN A 47 13.71 21.09 23.92
N ASP A 48 14.57 21.87 24.59
CA ASP A 48 15.88 22.13 23.97
C ASP A 48 16.86 20.97 24.06
N GLN A 49 16.58 19.96 24.90
CA GLN A 49 17.39 18.75 25.02
C GLN A 49 16.70 17.49 24.45
N LEU A 50 15.59 17.63 23.71
CA LEU A 50 14.76 16.47 23.33
C LEU A 50 14.00 16.76 22.03
N THR A 51 14.25 15.96 20.98
CA THR A 51 13.43 15.97 19.76
C THR A 51 12.88 14.57 19.49
N GLY A 52 11.57 14.47 19.18
CA GLY A 52 10.96 13.20 18.77
C GLY A 52 11.01 13.03 17.26
N TYR A 53 11.00 11.76 16.80
CA TYR A 53 11.06 11.52 15.35
C TYR A 53 10.43 10.16 15.00
N GLY A 54 10.15 9.98 13.71
CA GLY A 54 9.57 8.72 13.25
C GLY A 54 9.76 8.61 11.75
N GLN A 55 9.78 7.36 11.24
CA GLN A 55 10.07 7.17 9.82
C GLN A 55 9.42 5.88 9.32
N TRP A 56 8.91 5.95 8.08
CA TRP A 56 8.34 4.79 7.43
C TRP A 56 8.62 4.88 5.92
N GLU A 57 8.83 3.70 5.28
CA GLU A 57 9.23 3.63 3.88
C GLU A 57 8.74 2.31 3.24
N TYR A 58 8.30 2.37 1.97
CA TYR A 58 7.67 1.20 1.36
C TYR A 58 8.16 1.02 -0.08
N ASN A 59 8.18 -0.26 -0.55
CA ASN A 59 8.56 -0.56 -1.94
C ASN A 59 7.34 -1.07 -2.72
N PHE A 60 7.00 -0.41 -3.83
CA PHE A 60 5.90 -0.83 -4.73
C PHE A 60 6.54 -1.27 -6.05
N GLN A 61 6.51 -2.58 -6.37
CA GLN A 61 7.05 -3.04 -7.66
C GLN A 61 6.19 -2.47 -8.80
N GLY A 62 6.84 -2.12 -9.92
CA GLY A 62 6.15 -1.62 -11.09
C GLY A 62 6.14 -2.59 -12.24
N ASN A 63 6.55 -3.85 -12.03
CA ASN A 63 6.63 -4.87 -13.07
C ASN A 63 5.72 -6.07 -12.81
N ASN A 64 4.65 -5.91 -12.04
CA ASN A 64 3.60 -6.90 -11.85
C ASN A 64 2.37 -6.58 -12.70
N SER A 65 1.57 -7.62 -12.98
CA SER A 65 0.26 -7.34 -13.55
C SER A 65 -0.71 -6.80 -12.46
N GLU A 66 -1.88 -6.35 -12.89
CA GLU A 66 -2.97 -6.07 -11.98
C GLU A 66 -3.80 -7.32 -11.59
N GLY A 67 -3.31 -8.54 -11.85
CA GLY A 67 -4.03 -9.76 -11.47
C GLY A 67 -3.46 -10.35 -10.20
N ALA A 68 -3.35 -11.68 -10.21
CA ALA A 68 -3.04 -12.43 -9.00
C ALA A 68 -1.61 -12.24 -8.53
N ASP A 69 -0.67 -11.91 -9.42
CA ASP A 69 0.69 -11.61 -8.96
C ASP A 69 0.88 -10.13 -8.50
N ALA A 70 -0.22 -9.36 -8.29
CA ALA A 70 -0.08 -7.91 -8.06
C ALA A 70 0.77 -7.53 -6.84
N GLN A 71 0.79 -8.35 -5.79
CA GLN A 71 1.51 -8.03 -4.57
C GLN A 71 2.96 -8.53 -4.54
N SER A 72 3.44 -9.16 -5.61
CA SER A 72 4.74 -9.85 -5.60
C SER A 72 5.92 -8.85 -5.46
N GLY A 73 6.76 -9.03 -4.42
CA GLY A 73 7.89 -8.14 -4.15
C GLY A 73 7.56 -6.83 -3.43
N ASN A 74 6.32 -6.63 -2.94
CA ASN A 74 5.92 -5.39 -2.24
C ASN A 74 6.15 -5.50 -0.73
N LYS A 75 6.60 -4.41 -0.08
CA LYS A 75 6.94 -4.56 1.34
C LYS A 75 7.24 -3.22 1.99
N THR A 76 7.07 -3.20 3.32
CA THR A 76 7.66 -2.17 4.16
C THR A 76 9.16 -2.42 4.37
N ARG A 77 9.98 -1.39 4.12
CA ARG A 77 11.43 -1.42 4.30
C ARG A 77 11.87 -0.88 5.67
N LEU A 78 11.20 0.15 6.18
CA LEU A 78 11.54 0.83 7.44
C LEU A 78 10.28 1.21 8.19
N ALA A 79 10.36 1.16 9.53
CA ALA A 79 9.27 1.61 10.37
C ALA A 79 9.70 1.78 11.82
N PHE A 80 9.96 3.02 12.25
CA PHE A 80 10.51 3.18 13.60
C PHE A 80 10.17 4.54 14.18
N ALA A 81 10.23 4.60 15.52
CA ALA A 81 10.06 5.85 16.24
C ALA A 81 11.20 5.95 17.25
N GLY A 82 11.56 7.20 17.59
CA GLY A 82 12.68 7.42 18.48
C GLY A 82 12.66 8.78 19.17
N LEU A 83 13.69 8.97 20.02
CA LEU A 83 13.93 10.18 20.80
C LEU A 83 15.42 10.52 20.76
N LYS A 84 15.74 11.77 20.43
CA LYS A 84 17.10 12.26 20.41
C LYS A 84 17.30 13.22 21.59
N PHE A 85 18.28 12.94 22.45
CA PHE A 85 18.54 13.74 23.65
C PHE A 85 19.79 14.60 23.45
N GLY A 86 19.69 15.64 22.64
CA GLY A 86 20.83 16.52 22.40
C GLY A 86 22.16 15.80 22.16
N ASP A 87 23.17 16.07 23.02
CA ASP A 87 24.50 15.46 22.94
C ASP A 87 24.56 14.08 23.57
N ALA A 88 23.57 13.70 24.35
CA ALA A 88 23.65 12.42 25.04
C ALA A 88 23.09 11.26 24.20
N GLY A 89 22.85 11.45 22.89
CA GLY A 89 22.57 10.34 21.99
C GLY A 89 21.13 10.27 21.49
N SER A 90 20.82 9.18 20.81
CA SER A 90 19.48 8.91 20.28
C SER A 90 19.11 7.48 20.60
N PHE A 91 17.80 7.22 20.70
CA PHE A 91 17.26 5.87 20.83
C PHE A 91 16.02 5.78 19.95
N ASP A 92 15.92 4.69 19.15
CA ASP A 92 14.75 4.39 18.32
C ASP A 92 14.50 2.90 18.32
N TYR A 93 13.26 2.53 18.03
CA TYR A 93 12.85 1.13 18.04
C TYR A 93 11.94 0.83 16.87
N GLY A 94 12.19 -0.29 16.20
CA GLY A 94 11.34 -0.85 15.14
C GLY A 94 12.17 -1.53 14.05
N ARG A 95 11.70 -1.42 12.81
CA ARG A 95 12.39 -2.02 11.68
C ARG A 95 13.36 -0.99 11.10
N ASN A 96 14.66 -1.27 11.19
CA ASN A 96 15.72 -0.30 10.90
C ASN A 96 16.97 -1.06 10.42
N TYR A 97 18.07 -0.34 10.21
CA TYR A 97 19.32 -0.95 9.72
C TYR A 97 20.12 -1.58 10.85
N GLY A 98 20.60 -2.81 10.65
CA GLY A 98 21.52 -3.40 11.62
C GLY A 98 22.85 -2.65 11.66
N LEU A 99 23.50 -2.68 12.82
CA LEU A 99 24.74 -1.90 12.96
C LEU A 99 25.90 -2.41 12.08
N VAL A 100 25.91 -3.68 11.62
CA VAL A 100 27.03 -4.07 10.78
C VAL A 100 26.97 -3.37 9.42
N TYR A 101 25.78 -2.90 8.99
CA TYR A 101 25.67 -2.11 7.77
C TYR A 101 26.38 -0.76 7.88
N ASP A 102 26.72 -0.30 9.10
CA ASP A 102 27.57 0.90 9.22
C ASP A 102 28.92 0.71 8.54
N ALA A 103 29.43 -0.53 8.51
CA ALA A 103 30.63 -0.78 7.72
C ALA A 103 30.27 -1.25 6.30
N ILE A 104 29.33 -2.20 6.15
CA ILE A 104 29.09 -2.77 4.81
C ILE A 104 28.68 -1.69 3.80
N GLY A 105 28.05 -0.61 4.28
CA GLY A 105 27.59 0.45 3.39
C GLY A 105 28.67 1.18 2.61
N ILE A 106 29.92 1.17 3.08
CA ILE A 106 30.91 2.04 2.44
C ILE A 106 31.28 1.62 1.01
N THR A 107 31.11 0.36 0.61
CA THR A 107 31.29 -0.01 -0.80
C THR A 107 29.97 -0.20 -1.55
N ASP A 108 28.83 0.09 -0.90
CA ASP A 108 27.50 -0.01 -1.51
C ASP A 108 27.10 1.32 -2.17
N MET A 109 27.82 1.67 -3.25
CA MET A 109 27.69 2.94 -3.95
C MET A 109 27.59 2.79 -5.46
N LEU A 110 27.34 1.59 -5.95
CA LEU A 110 27.30 1.37 -7.38
C LEU A 110 25.99 1.88 -7.97
N PRO A 111 25.92 2.10 -9.29
CA PRO A 111 24.63 2.55 -9.86
C PRO A 111 23.50 1.53 -9.70
N GLU A 112 23.75 0.19 -9.86
CA GLU A 112 22.66 -0.80 -9.71
C GLU A 112 23.06 -2.02 -8.86
N PHE A 113 24.28 -2.54 -9.01
CA PHE A 113 24.67 -3.74 -8.25
C PHE A 113 25.41 -3.32 -6.96
N GLY A 114 26.28 -4.19 -6.41
CA GLY A 114 26.98 -3.88 -5.17
C GLY A 114 26.13 -4.20 -3.92
N GLY A 115 26.72 -3.97 -2.73
CA GLY A 115 26.03 -4.19 -1.47
C GLY A 115 25.66 -5.63 -1.16
N ASP A 116 26.36 -6.60 -1.74
CA ASP A 116 25.84 -7.98 -1.76
C ASP A 116 25.81 -8.67 -0.39
N THR A 117 26.70 -8.32 0.56
CA THR A 117 26.69 -8.98 1.88
C THR A 117 25.73 -8.33 2.88
N GLY A 118 25.18 -7.13 2.58
CA GLY A 118 24.17 -6.51 3.42
C GLY A 118 22.76 -6.72 2.88
N VAL A 119 21.97 -7.57 3.52
CA VAL A 119 20.66 -8.00 3.00
C VAL A 119 19.60 -7.93 4.11
N SER A 120 18.34 -8.02 3.70
CA SER A 120 17.21 -7.88 4.64
C SER A 120 16.94 -9.18 5.41
N ASP A 121 16.54 -9.02 6.68
CA ASP A 121 16.16 -10.11 7.59
C ASP A 121 17.30 -11.11 7.78
N ASN A 122 18.49 -10.56 8.06
CA ASN A 122 19.75 -11.27 8.09
C ASN A 122 20.60 -10.78 9.26
N PHE A 123 20.06 -10.95 10.47
CA PHE A 123 20.67 -10.53 11.74
C PHE A 123 20.99 -9.04 11.69
N PHE A 124 22.26 -8.64 11.58
CA PHE A 124 22.63 -7.23 11.68
C PHE A 124 23.19 -6.66 10.38
N SER A 125 23.08 -7.38 9.26
CA SER A 125 23.81 -6.93 8.07
C SER A 125 23.06 -5.92 7.21
N GLY A 126 21.72 -5.80 7.37
CA GLY A 126 20.90 -4.87 6.59
C GLY A 126 19.64 -4.48 7.39
N ARG A 127 18.49 -4.40 6.72
CA ARG A 127 17.26 -4.03 7.41
C ARG A 127 16.67 -5.27 8.11
N THR A 128 16.30 -5.11 9.40
CA THR A 128 15.77 -6.20 10.22
C THR A 128 14.68 -5.68 11.16
N GLY A 129 13.70 -6.54 11.49
CA GLY A 129 12.65 -6.17 12.43
C GLY A 129 13.03 -6.31 13.90
N GLY A 130 12.46 -5.43 14.74
CA GLY A 130 12.61 -5.55 16.19
C GLY A 130 13.93 -5.05 16.77
N LEU A 131 14.53 -4.00 16.16
CA LEU A 131 15.83 -3.50 16.57
C LEU A 131 15.64 -2.33 17.53
N ALA A 132 16.35 -2.38 18.66
CA ALA A 132 16.43 -1.30 19.64
C ALA A 132 17.85 -0.71 19.59
N THR A 133 17.99 0.55 19.19
CA THR A 133 19.27 1.12 18.77
C THR A 133 19.64 2.41 19.52
N TYR A 134 20.83 2.43 20.12
CA TYR A 134 21.41 3.62 20.73
C TYR A 134 22.57 4.13 19.87
N ARG A 135 22.57 5.42 19.55
CA ARG A 135 23.68 6.05 18.82
C ARG A 135 24.11 7.33 19.51
N ASN A 136 25.41 7.66 19.36
CA ASN A 136 25.96 8.92 19.87
C ASN A 136 26.94 9.49 18.86
N SER A 137 26.62 10.65 18.31
CA SER A 137 27.43 11.34 17.31
C SER A 137 28.26 12.44 17.96
N GLY A 138 29.58 12.40 17.77
CA GLY A 138 30.44 13.43 18.35
C GLY A 138 30.82 13.20 19.81
N PHE A 139 30.50 12.01 20.35
CA PHE A 139 30.94 11.57 21.67
C PHE A 139 30.65 12.59 22.77
N PHE A 140 29.35 12.85 23.01
CA PHE A 140 28.92 13.69 24.12
C PHE A 140 29.42 15.11 24.00
N GLY A 141 29.65 15.58 22.78
CA GLY A 141 30.17 16.91 22.57
C GLY A 141 31.68 17.06 22.74
N LEU A 142 32.42 15.97 22.97
CA LEU A 142 33.83 16.00 23.33
C LEU A 142 34.76 15.72 22.15
N VAL A 143 34.48 14.69 21.33
CA VAL A 143 35.33 14.33 20.20
C VAL A 143 34.53 14.51 18.92
N ASP A 144 34.79 15.60 18.22
CA ASP A 144 34.08 15.87 16.98
C ASP A 144 34.52 14.85 15.93
N GLY A 145 33.58 14.33 15.14
CA GLY A 145 33.90 13.35 14.12
C GLY A 145 33.82 11.88 14.52
N LEU A 146 33.70 11.55 15.81
CA LEU A 146 33.74 10.18 16.32
C LEU A 146 32.33 9.70 16.65
N ASN A 147 31.91 8.58 16.03
CA ASN A 147 30.57 7.98 16.25
C ASN A 147 30.62 6.55 16.79
N PHE A 148 29.65 6.21 17.66
CA PHE A 148 29.48 4.80 18.07
C PHE A 148 28.00 4.47 18.30
N GLY A 149 27.69 3.18 18.28
CA GLY A 149 26.35 2.71 18.54
C GLY A 149 26.34 1.36 19.23
N VAL A 150 25.24 1.08 19.93
CA VAL A 150 24.98 -0.19 20.61
C VAL A 150 23.53 -0.55 20.33
N GLN A 151 23.23 -1.83 20.17
CA GLN A 151 21.98 -2.28 19.56
C GLN A 151 21.56 -3.65 20.10
N TYR A 152 20.27 -3.80 20.40
CA TYR A 152 19.71 -5.08 20.82
C TYR A 152 18.70 -5.60 19.80
N LEU A 153 18.68 -6.92 19.59
CA LEU A 153 17.78 -7.54 18.62
C LEU A 153 16.91 -8.59 19.31
N GLY A 154 15.59 -8.42 19.24
CA GLY A 154 14.70 -9.43 19.75
C GLY A 154 14.47 -10.54 18.74
N LYS A 155 14.11 -11.73 19.23
CA LYS A 155 14.11 -12.82 18.30
C LYS A 155 12.86 -12.71 17.40
N ASN A 156 13.00 -13.12 16.15
CA ASN A 156 11.91 -13.23 15.18
C ASN A 156 11.81 -14.69 14.70
N GLU A 157 10.77 -15.40 15.17
CA GLU A 157 10.38 -16.80 14.89
C GLU A 157 9.49 -16.79 13.66
N ARG A 158 10.05 -16.99 12.48
CA ARG A 158 9.22 -16.82 11.30
C ARG A 158 9.02 -18.14 10.59
N THR A 159 7.99 -18.20 9.75
CA THR A 159 7.78 -19.39 8.96
C THR A 159 9.00 -19.71 8.10
N ASP A 160 9.62 -18.68 7.54
CA ASP A 160 10.84 -18.81 6.75
C ASP A 160 12.06 -18.74 7.69
N ALA A 161 12.77 -19.87 7.82
CA ALA A 161 13.92 -19.94 8.70
C ALA A 161 15.07 -19.11 8.15
N LEU A 162 15.19 -18.96 6.82
CA LEU A 162 16.26 -18.12 6.29
C LEU A 162 16.09 -16.63 6.62
N ARG A 163 14.91 -16.20 7.14
CA ARG A 163 14.64 -14.81 7.51
C ARG A 163 14.33 -14.65 9.01
N SER A 164 14.84 -15.57 9.83
CA SER A 164 14.56 -15.63 11.27
C SER A 164 15.81 -15.27 12.06
N ASN A 165 15.66 -15.18 13.38
CA ASN A 165 16.81 -14.95 14.26
C ASN A 165 16.37 -15.19 15.69
N GLY A 166 17.36 -15.39 16.58
CA GLY A 166 17.16 -15.31 18.01
C GLY A 166 17.68 -13.99 18.56
N ASP A 167 17.70 -13.87 19.89
CA ASP A 167 18.14 -12.64 20.57
C ASP A 167 19.61 -12.32 20.27
N GLY A 168 19.98 -11.02 20.28
CA GLY A 168 21.37 -10.67 20.01
C GLY A 168 21.75 -9.22 20.36
N TRP A 169 23.04 -8.92 20.17
CA TRP A 169 23.64 -7.61 20.44
C TRP A 169 24.64 -7.24 19.35
N ALA A 170 24.83 -5.94 19.14
CA ALA A 170 25.83 -5.50 18.17
C ALA A 170 26.35 -4.13 18.58
N THR A 171 27.48 -3.76 17.97
CA THR A 171 28.11 -2.51 18.35
C THR A 171 28.95 -2.05 17.16
N SER A 172 29.19 -0.73 17.07
CA SER A 172 29.94 -0.18 15.93
C SER A 172 30.64 1.09 16.35
N LEU A 173 31.61 1.53 15.52
CA LEU A 173 32.43 2.67 15.84
C LEU A 173 33.09 3.20 14.56
N SER A 174 33.15 4.52 14.40
CA SER A 174 33.73 5.10 13.20
C SER A 174 34.35 6.45 13.50
N TYR A 175 35.32 6.86 12.69
CA TYR A 175 35.94 8.17 12.86
C TYR A 175 36.18 8.80 11.50
N ASP A 176 35.87 10.10 11.37
CA ASP A 176 36.09 10.80 10.10
C ASP A 176 36.84 12.11 10.34
N PHE A 177 37.76 12.43 9.44
CA PHE A 177 38.45 13.71 9.53
C PHE A 177 39.16 13.98 8.20
N ASP A 178 38.95 15.17 7.64
CA ASP A 178 39.73 15.64 6.50
C ASP A 178 39.50 14.78 5.25
N GLY A 179 38.28 14.30 5.08
CA GLY A 179 37.92 13.47 3.96
C GLY A 179 38.18 11.99 4.14
N PHE A 180 38.97 11.59 5.15
CA PHE A 180 39.25 10.19 5.43
C PHE A 180 38.28 9.66 6.48
N GLY A 181 37.92 8.37 6.36
CA GLY A 181 37.10 7.74 7.37
C GLY A 181 37.49 6.30 7.60
N ILE A 182 37.18 5.80 8.80
CA ILE A 182 37.47 4.42 9.16
C ILE A 182 36.32 3.94 10.05
N VAL A 183 35.97 2.64 9.97
CA VAL A 183 34.82 2.11 10.70
C VAL A 183 34.98 0.60 10.98
N GLY A 184 34.45 0.12 12.11
CA GLY A 184 34.27 -1.30 12.36
C GLY A 184 33.01 -1.61 13.15
N ALA A 185 32.52 -2.82 12.99
CA ALA A 185 31.27 -3.23 13.62
C ALA A 185 31.29 -4.73 13.85
N TYR A 186 30.64 -5.18 14.94
CA TYR A 186 30.56 -6.60 15.29
C TYR A 186 29.18 -6.88 15.86
N GLY A 187 28.57 -8.03 15.49
CA GLY A 187 27.35 -8.47 16.13
C GLY A 187 27.28 -9.99 16.28
N ALA A 188 26.46 -10.43 17.25
CA ALA A 188 26.27 -11.86 17.51
C ALA A 188 24.87 -12.12 18.04
N ALA A 189 24.30 -13.27 17.70
CA ALA A 189 22.96 -13.62 18.15
C ALA A 189 22.78 -15.15 18.11
N ASP A 190 21.81 -15.64 18.89
CA ASP A 190 21.41 -17.04 18.83
C ASP A 190 20.67 -17.35 17.53
N ARG A 191 20.74 -18.62 17.12
CA ARG A 191 20.00 -19.15 15.98
C ARG A 191 18.79 -19.91 16.51
N THR A 192 17.75 -20.03 15.68
CA THR A 192 16.56 -20.74 16.11
C THR A 192 16.73 -22.23 15.85
N ASN A 193 15.83 -23.02 16.43
CA ASN A 193 15.92 -24.47 16.28
C ASN A 193 15.74 -24.87 14.82
N ALA A 194 14.85 -24.18 14.09
CA ALA A 194 14.66 -24.50 12.67
C ALA A 194 15.88 -24.16 11.83
N GLN A 195 16.64 -23.13 12.21
CA GLN A 195 17.86 -22.79 11.47
C GLN A 195 18.91 -23.89 11.62
N GLN A 196 18.84 -24.66 12.70
CA GLN A 196 19.76 -25.75 12.98
C GLN A 196 19.34 -27.06 12.35
N ASN A 197 18.22 -27.08 11.62
CA ASN A 197 17.79 -28.26 10.89
C ASN A 197 17.82 -28.09 9.37
N LEU A 198 18.55 -27.10 8.83
CA LEU A 198 18.60 -26.89 7.37
C LEU A 198 19.80 -27.67 6.79
N GLN A 199 19.88 -27.89 5.42
CA GLN A 199 20.97 -28.78 5.00
C GLN A 199 22.33 -28.11 5.11
N TRP A 200 22.41 -26.78 5.02
CA TRP A 200 23.72 -26.15 5.16
C TRP A 200 23.75 -25.30 6.42
N GLY A 201 24.87 -25.35 7.15
CA GLY A 201 25.07 -24.53 8.33
C GLY A 201 24.64 -25.20 9.62
N LYS A 202 25.57 -25.32 10.58
CA LYS A 202 25.33 -25.95 11.89
C LYS A 202 26.05 -25.10 12.93
N GLY A 203 25.53 -25.03 14.17
CA GLY A 203 26.06 -24.16 15.21
C GLY A 203 24.94 -23.40 15.93
N ASP A 204 25.23 -22.97 17.17
CA ASP A 204 24.30 -22.33 18.09
C ASP A 204 24.25 -20.80 18.02
N LYS A 205 25.27 -20.19 17.42
CA LYS A 205 25.45 -18.75 17.41
C LYS A 205 25.78 -18.30 15.99
N ALA A 206 25.26 -17.13 15.62
CA ALA A 206 25.60 -16.47 14.36
C ALA A 206 26.42 -15.25 14.72
N GLU A 207 27.42 -14.94 13.88
CA GLU A 207 28.30 -13.79 14.10
C GLU A 207 28.58 -13.10 12.80
N GLN A 208 28.68 -11.77 12.86
CA GLN A 208 29.01 -10.97 11.68
C GLN A 208 29.92 -9.85 12.12
N TRP A 209 30.96 -9.54 11.34
CA TRP A 209 31.77 -8.35 11.60
C TRP A 209 32.35 -7.85 10.29
N ALA A 210 32.63 -6.55 10.21
CA ALA A 210 33.31 -6.06 9.02
C ALA A 210 34.00 -4.74 9.34
N THR A 211 34.98 -4.37 8.51
CA THR A 211 35.77 -3.17 8.78
C THR A 211 36.22 -2.52 7.48
N GLY A 212 36.46 -1.21 7.52
CA GLY A 212 36.68 -0.57 6.24
C GLY A 212 37.33 0.79 6.35
N LEU A 213 37.74 1.31 5.18
CA LEU A 213 38.47 2.57 5.04
C LEU A 213 37.95 3.33 3.82
N LYS A 214 37.96 4.67 3.89
CA LYS A 214 37.50 5.41 2.72
C LYS A 214 38.11 6.79 2.62
N TYR A 215 38.18 7.29 1.39
CA TYR A 215 38.52 8.68 1.11
C TYR A 215 37.42 9.32 0.27
N ASP A 216 36.89 10.45 0.73
CA ASP A 216 35.70 11.06 0.11
C ASP A 216 35.85 12.60 0.10
N ALA A 217 36.45 13.13 -0.96
CA ALA A 217 36.69 14.57 -1.08
C ALA A 217 37.27 14.85 -2.46
N ASN A 218 37.19 16.11 -2.89
CA ASN A 218 37.77 16.55 -4.18
C ASN A 218 37.28 15.71 -5.34
N ASN A 219 35.97 15.45 -5.37
CA ASN A 219 35.30 14.71 -6.44
C ASN A 219 35.76 13.27 -6.52
N ILE A 220 36.39 12.77 -5.46
CA ILE A 220 36.98 11.43 -5.46
C ILE A 220 36.32 10.62 -4.33
N TYR A 221 35.93 9.38 -4.64
CA TYR A 221 35.48 8.40 -3.66
C TYR A 221 36.23 7.09 -3.91
N LEU A 222 36.89 6.57 -2.85
CA LEU A 222 37.55 5.26 -2.84
C LEU A 222 37.26 4.57 -1.53
N ALA A 223 37.04 3.27 -1.55
CA ALA A 223 36.76 2.59 -0.29
C ALA A 223 37.09 1.13 -0.41
N ALA A 224 37.40 0.51 0.72
CA ALA A 224 37.70 -0.90 0.76
C ALA A 224 37.10 -1.47 2.03
N LEU A 225 36.61 -2.70 1.94
CA LEU A 225 35.86 -3.36 3.00
C LEU A 225 36.33 -4.81 3.15
N TYR A 226 36.49 -5.24 4.39
CA TYR A 226 36.79 -6.65 4.67
C TYR A 226 36.02 -7.09 5.91
N GLY A 227 35.43 -8.29 5.85
CA GLY A 227 34.78 -8.88 6.99
C GLY A 227 34.55 -10.36 6.81
N GLU A 228 33.96 -10.99 7.85
CA GLU A 228 33.69 -12.43 7.85
C GLU A 228 32.38 -12.70 8.59
N MET A 229 31.64 -13.74 8.17
CA MET A 229 30.40 -14.12 8.84
C MET A 229 30.41 -15.59 9.27
N ARG A 230 29.89 -15.84 10.46
CA ARG A 230 29.76 -17.19 10.99
C ARG A 230 28.34 -17.65 11.26
N ASN A 231 27.95 -18.73 10.55
CA ASN A 231 26.58 -19.26 10.57
C ASN A 231 25.54 -18.20 10.19
N ALA A 232 25.92 -17.22 9.34
CA ALA A 232 25.08 -16.04 9.10
C ALA A 232 24.94 -15.62 7.64
N ALA A 233 25.85 -16.00 6.73
CA ALA A 233 25.66 -15.67 5.31
C ALA A 233 24.63 -16.62 4.71
N ARG A 234 23.58 -16.04 4.14
CA ARG A 234 22.47 -16.80 3.59
C ARG A 234 22.78 -17.27 2.17
N LEU A 235 22.69 -18.58 1.96
CA LEU A 235 22.84 -19.21 0.65
C LEU A 235 21.52 -19.83 0.22
N ASP A 236 21.56 -20.55 -0.90
CA ASP A 236 20.35 -21.12 -1.46
C ASP A 236 19.65 -22.07 -0.48
N ASN A 237 20.44 -22.92 0.22
CA ASN A 237 19.88 -23.99 1.04
C ASN A 237 20.25 -23.91 2.53
N GLY A 238 20.45 -22.71 3.06
CA GLY A 238 20.82 -22.56 4.46
C GLY A 238 21.86 -21.48 4.62
N PHE A 239 22.79 -21.65 5.56
CA PHE A 239 23.80 -20.66 5.89
C PHE A 239 25.19 -21.25 5.69
N ALA A 240 26.13 -20.43 5.22
CA ALA A 240 27.50 -20.87 5.16
C ALA A 240 28.10 -20.93 6.57
N ASN A 241 28.92 -21.96 6.82
CA ASN A 241 29.54 -22.09 8.13
C ASN A 241 30.53 -20.97 8.38
N LYS A 242 31.37 -20.61 7.41
CA LYS A 242 32.19 -19.40 7.53
C LYS A 242 32.33 -18.75 6.17
N THR A 243 32.69 -17.46 6.20
CA THR A 243 32.91 -16.70 4.99
C THR A 243 34.08 -15.76 5.21
N GLN A 244 34.69 -15.36 4.08
CA GLN A 244 35.63 -14.26 4.01
C GLN A 244 35.16 -13.37 2.87
N ASP A 245 34.95 -12.08 3.15
CA ASP A 245 34.21 -11.19 2.23
C ASP A 245 35.02 -9.94 1.95
N PHE A 246 35.12 -9.57 0.67
CA PHE A 246 35.95 -8.42 0.32
C PHE A 246 35.34 -7.63 -0.85
N SER A 247 35.46 -6.31 -0.82
CA SER A 247 35.01 -5.44 -1.92
C SER A 247 35.79 -4.14 -1.91
N VAL A 248 35.83 -3.47 -3.06
CA VAL A 248 36.60 -2.24 -3.23
C VAL A 248 35.99 -1.46 -4.39
N VAL A 249 35.98 -0.12 -4.29
CA VAL A 249 35.33 0.72 -5.30
C VAL A 249 36.11 2.03 -5.51
N ALA A 250 36.04 2.58 -6.74
CA ALA A 250 36.66 3.88 -7.04
C ALA A 250 35.78 4.71 -7.97
N GLN A 251 35.56 5.98 -7.65
CA GLN A 251 34.62 6.79 -8.43
C GLN A 251 35.17 8.22 -8.55
N TYR A 252 34.78 8.90 -9.63
CA TYR A 252 35.11 10.31 -9.80
C TYR A 252 33.88 11.07 -10.28
N GLN A 253 33.68 12.29 -9.74
CA GLN A 253 32.54 13.14 -10.08
C GLN A 253 32.98 14.33 -10.94
N PHE A 254 32.66 14.30 -12.23
CA PHE A 254 32.88 15.44 -13.09
C PHE A 254 31.87 16.53 -12.79
N ASP A 255 32.29 17.79 -13.02
CA ASP A 255 31.51 18.97 -12.65
C ASP A 255 30.23 19.09 -13.48
N PHE A 256 30.26 18.62 -14.72
CA PHE A 256 29.11 18.65 -15.60
C PHE A 256 28.12 17.45 -15.39
N GLY A 257 28.26 16.61 -14.36
CA GLY A 257 27.21 15.68 -13.96
C GLY A 257 27.56 14.19 -14.05
N LEU A 258 28.53 13.81 -14.87
CA LEU A 258 28.85 12.40 -15.11
C LEU A 258 29.72 11.84 -13.99
N ARG A 259 29.44 10.60 -13.58
CA ARG A 259 30.17 9.98 -12.47
C ARG A 259 30.45 8.51 -12.76
N PRO A 260 31.63 8.21 -13.32
CA PRO A 260 31.96 6.80 -13.66
C PRO A 260 32.38 6.00 -12.44
N SER A 261 32.25 4.67 -12.55
CA SER A 261 32.48 3.84 -11.37
C SER A 261 33.10 2.50 -11.77
N ILE A 262 34.08 2.02 -10.99
CA ILE A 262 34.53 0.63 -11.16
C ILE A 262 34.74 -0.02 -9.81
N ALA A 263 34.49 -1.32 -9.72
CA ALA A 263 34.53 -1.98 -8.42
C ALA A 263 34.86 -3.45 -8.60
N TYR A 264 35.24 -4.09 -7.49
CA TYR A 264 35.49 -5.53 -7.53
C TYR A 264 35.00 -6.18 -6.24
N TYR A 265 34.26 -7.28 -6.37
CA TYR A 265 33.64 -7.97 -5.24
C TYR A 265 34.07 -9.44 -5.24
N LYS A 266 34.58 -9.92 -4.09
CA LYS A 266 34.94 -11.33 -3.95
C LYS A 266 34.60 -11.83 -2.56
N SER A 267 33.80 -12.88 -2.48
CA SER A 267 33.47 -13.51 -1.21
C SER A 267 33.62 -15.03 -1.32
N LYS A 268 34.22 -15.60 -0.27
CA LYS A 268 34.54 -17.02 -0.19
C LYS A 268 33.77 -17.69 0.96
N ALA A 269 33.02 -18.75 0.64
CA ALA A 269 32.43 -19.62 1.66
C ALA A 269 33.37 -20.78 1.99
N LYS A 270 33.36 -21.22 3.25
CA LYS A 270 34.28 -22.25 3.73
C LYS A 270 33.53 -23.36 4.45
N ASP A 271 33.93 -24.60 4.15
CA ASP A 271 33.44 -25.81 4.83
C ASP A 271 31.92 -25.96 4.77
N VAL A 272 31.37 -25.94 3.57
CA VAL A 272 29.95 -26.21 3.37
C VAL A 272 29.73 -27.71 3.34
N GLU A 273 28.75 -28.20 4.12
CA GLU A 273 28.46 -29.64 4.19
C GLU A 273 28.35 -30.24 2.79
N GLY A 274 29.23 -31.21 2.50
CA GLY A 274 29.23 -31.95 1.24
C GLY A 274 29.86 -31.24 0.06
N ILE A 275 30.54 -30.11 0.26
CA ILE A 275 31.09 -29.30 -0.82
C ILE A 275 32.50 -28.79 -0.50
N GLY A 276 32.74 -28.37 0.75
CA GLY A 276 34.03 -27.80 1.11
C GLY A 276 34.05 -26.28 0.97
N ASP A 277 35.10 -25.76 0.31
CA ASP A 277 35.33 -24.33 0.08
C ASP A 277 34.98 -23.95 -1.36
N GLU A 278 34.42 -22.76 -1.53
CA GLU A 278 34.08 -22.28 -2.87
C GLU A 278 33.59 -20.85 -2.75
N ASP A 279 33.92 -20.04 -3.75
CA ASP A 279 33.46 -18.66 -3.81
C ASP A 279 31.94 -18.65 -4.00
N TYR A 280 31.27 -17.70 -3.35
CA TYR A 280 29.83 -17.50 -3.60
C TYR A 280 29.52 -16.11 -4.17
N ILE A 281 30.48 -15.19 -4.16
CA ILE A 281 30.45 -13.91 -4.88
C ILE A 281 31.81 -13.68 -5.53
N ASN A 282 31.81 -13.24 -6.80
CA ASN A 282 33.05 -12.88 -7.48
C ASN A 282 32.75 -12.11 -8.76
N TYR A 283 32.94 -10.78 -8.78
CA TYR A 283 32.59 -10.08 -10.02
C TYR A 283 33.30 -8.75 -10.09
N ILE A 284 33.38 -8.26 -11.34
CA ILE A 284 33.91 -6.94 -11.68
C ILE A 284 32.76 -6.13 -12.22
N ASP A 285 32.75 -4.83 -11.89
CA ASP A 285 31.62 -3.97 -12.19
C ASP A 285 32.10 -2.69 -12.83
N ILE A 286 31.49 -2.31 -13.95
CA ILE A 286 31.81 -1.09 -14.66
C ILE A 286 30.51 -0.34 -14.91
N GLY A 287 30.46 0.94 -14.57
CA GLY A 287 29.26 1.70 -14.86
C GLY A 287 29.48 3.19 -14.72
N ALA A 288 28.38 3.93 -14.88
CA ALA A 288 28.34 5.37 -14.80
C ALA A 288 26.92 5.84 -14.53
N THR A 289 26.82 6.94 -13.76
CA THR A 289 25.60 7.70 -13.55
C THR A 289 25.77 9.11 -14.12
N TYR A 290 24.71 9.64 -14.72
CA TYR A 290 24.67 11.04 -15.13
C TYR A 290 23.56 11.75 -14.35
N TYR A 291 23.92 12.75 -13.56
CA TYR A 291 22.95 13.52 -12.79
C TYR A 291 22.55 14.77 -13.59
N PHE A 292 21.26 14.88 -13.95
CA PHE A 292 20.78 16.12 -14.56
C PHE A 292 20.66 17.24 -13.51
N ASN A 293 20.27 16.91 -12.28
CA ASN A 293 20.17 17.84 -11.12
C ASN A 293 19.81 16.97 -9.92
N LYS A 294 19.38 17.58 -8.81
CA LYS A 294 19.16 16.75 -7.62
C LYS A 294 17.89 15.91 -7.71
N ASN A 295 17.07 16.11 -8.74
CA ASN A 295 15.81 15.39 -8.85
C ASN A 295 15.77 14.38 -10.00
N MET A 296 16.76 14.36 -10.90
CA MET A 296 16.65 13.52 -12.09
C MET A 296 18.01 12.96 -12.48
N SER A 297 18.05 11.68 -12.86
CA SER A 297 19.32 11.06 -13.22
C SER A 297 19.07 9.85 -14.13
N THR A 298 20.16 9.33 -14.71
CA THR A 298 20.11 8.14 -15.55
C THR A 298 21.45 7.39 -15.41
N TYR A 299 21.44 6.05 -15.63
CA TYR A 299 22.65 5.28 -15.38
C TYR A 299 22.72 3.98 -16.19
N VAL A 300 23.94 3.47 -16.36
CA VAL A 300 24.17 2.14 -16.90
C VAL A 300 25.15 1.39 -16.00
N ASP A 301 24.85 0.13 -15.70
CA ASP A 301 25.72 -0.70 -14.87
C ASP A 301 25.95 -2.05 -15.54
N TYR A 302 27.22 -2.48 -15.57
CA TYR A 302 27.69 -3.70 -16.26
C TYR A 302 28.40 -4.61 -15.26
N GLN A 303 27.76 -5.71 -14.90
CA GLN A 303 28.29 -6.67 -13.94
C GLN A 303 28.96 -7.84 -14.68
N ILE A 304 30.27 -8.03 -14.47
CA ILE A 304 31.03 -9.03 -15.24
C ILE A 304 31.35 -10.20 -14.32
N ASN A 305 30.52 -11.24 -14.39
CA ASN A 305 30.59 -12.34 -13.44
C ASN A 305 31.85 -13.21 -13.66
N GLN A 306 32.47 -13.65 -12.56
CA GLN A 306 33.62 -14.56 -12.62
C GLN A 306 33.43 -15.84 -11.81
N LEU A 307 32.21 -16.24 -11.49
CA LEU A 307 32.00 -17.56 -10.93
C LEU A 307 32.07 -18.62 -12.04
N LYS A 308 32.22 -19.88 -11.65
CA LYS A 308 32.67 -20.83 -12.65
C LYS A 308 31.45 -21.65 -13.11
N ASP A 309 31.55 -22.21 -14.33
CA ASP A 309 30.41 -22.91 -14.94
C ASP A 309 30.01 -24.12 -14.13
N ASP A 310 28.69 -24.29 -13.97
CA ASP A 310 28.16 -25.45 -13.30
C ASP A 310 28.82 -25.59 -11.93
N ASN A 311 29.00 -24.45 -11.26
CA ASN A 311 29.70 -24.50 -9.98
C ASN A 311 28.89 -25.32 -8.97
N LYS A 312 29.55 -25.64 -7.84
CA LYS A 312 29.10 -26.67 -6.92
C LYS A 312 28.06 -26.18 -5.92
N LEU A 313 27.86 -24.87 -5.76
CA LEU A 313 26.78 -24.36 -4.92
C LEU A 313 25.58 -23.96 -5.73
N GLY A 314 25.57 -24.25 -7.02
CA GLY A 314 24.43 -23.93 -7.84
C GLY A 314 24.18 -22.45 -8.09
N ILE A 315 25.21 -21.57 -8.00
CA ILE A 315 25.00 -20.12 -8.17
C ILE A 315 25.07 -19.76 -9.65
N ASN A 316 24.10 -18.99 -10.12
CA ASN A 316 24.11 -18.60 -11.53
C ASN A 316 25.34 -17.72 -11.79
N ASN A 317 25.85 -17.74 -13.03
CA ASN A 317 27.17 -17.18 -13.24
C ASN A 317 27.23 -16.24 -14.45
N ASP A 318 26.07 -15.80 -14.94
CA ASP A 318 25.99 -14.89 -16.07
C ASP A 318 26.28 -13.43 -15.68
N ASP A 319 26.49 -12.62 -16.72
CA ASP A 319 26.62 -11.17 -16.72
C ASP A 319 25.23 -10.53 -16.79
N THR A 320 25.16 -9.25 -16.41
CA THR A 320 23.93 -8.47 -16.55
C THR A 320 24.31 -7.03 -16.87
N VAL A 321 23.56 -6.38 -17.77
CA VAL A 321 23.60 -4.93 -17.96
C VAL A 321 22.26 -4.35 -17.50
N ALA A 322 22.32 -3.27 -16.72
CA ALA A 322 21.13 -2.58 -16.22
C ALA A 322 21.12 -1.14 -16.71
N VAL A 323 19.94 -0.67 -17.15
CA VAL A 323 19.74 0.70 -17.61
C VAL A 323 18.56 1.31 -16.85
N GLY A 324 18.75 2.50 -16.28
CA GLY A 324 17.75 3.11 -15.43
C GLY A 324 17.56 4.59 -15.71
N LEU A 325 16.32 5.03 -15.48
CA LEU A 325 15.92 6.44 -15.55
C LEU A 325 15.13 6.72 -14.27
N VAL A 326 15.58 7.71 -13.48
CA VAL A 326 15.14 7.93 -12.10
C VAL A 326 14.60 9.35 -11.91
N TYR A 327 13.32 9.47 -11.50
CA TYR A 327 12.75 10.71 -10.97
C TYR A 327 12.58 10.57 -9.47
N GLN A 328 13.08 11.55 -8.69
CA GLN A 328 12.96 11.48 -7.23
C GLN A 328 12.66 12.84 -6.62
N PHE A 329 12.03 12.81 -5.45
CA PHE A 329 11.62 14.03 -4.75
C PHE A 329 11.78 13.91 -3.24
N ALA B 1 -3.81 17.60 -5.91
CA ALA B 1 -3.39 18.87 -5.29
C ALA B 1 -1.90 19.11 -5.38
N GLU B 2 -1.53 20.32 -5.80
CA GLU B 2 -0.14 20.78 -5.81
C GLU B 2 0.25 21.13 -4.39
N ILE B 3 1.17 20.36 -3.81
CA ILE B 3 1.55 20.47 -2.40
C ILE B 3 3.01 20.89 -2.22
N TYR B 4 3.77 21.12 -3.29
CA TYR B 4 5.17 21.50 -3.22
C TYR B 4 5.48 22.17 -4.53
N ASN B 5 6.22 23.30 -4.49
CA ASN B 5 6.54 24.04 -5.72
C ASN B 5 7.69 24.98 -5.37
N LYS B 6 8.92 24.52 -5.65
CA LYS B 6 10.07 25.22 -5.08
C LYS B 6 11.31 24.94 -5.92
N ASP B 7 12.02 26.00 -6.29
CA ASP B 7 13.30 25.88 -7.00
C ASP B 7 13.19 25.00 -8.24
N GLY B 8 12.11 25.12 -9.00
CA GLY B 8 12.02 24.34 -10.22
C GLY B 8 11.47 22.92 -10.10
N ASN B 9 11.19 22.42 -8.89
CA ASN B 9 10.56 21.11 -8.69
C ASN B 9 9.14 21.34 -8.21
N LYS B 10 8.17 20.66 -8.81
CA LYS B 10 6.84 20.61 -8.23
C LYS B 10 6.34 19.16 -8.09
N LEU B 11 5.47 18.96 -7.09
CA LEU B 11 4.91 17.65 -6.73
C LEU B 11 3.39 17.74 -6.49
N ASP B 12 2.62 17.03 -7.30
CA ASP B 12 1.18 16.89 -7.15
C ASP B 12 0.87 15.57 -6.41
N LEU B 13 0.15 15.65 -5.27
CA LEU B 13 -0.42 14.50 -4.58
C LEU B 13 -1.92 14.51 -4.85
N TYR B 14 -2.43 13.43 -5.47
CA TYR B 14 -3.81 13.38 -5.92
C TYR B 14 -4.43 12.02 -5.56
N GLY B 15 -5.77 11.96 -5.59
CA GLY B 15 -6.48 10.74 -5.30
C GLY B 15 -7.98 10.99 -5.16
N LYS B 16 -8.72 9.95 -4.76
CA LYS B 16 -10.16 10.05 -4.55
C LYS B 16 -10.70 8.93 -3.70
N ALA B 17 -11.88 9.18 -3.11
CA ALA B 17 -12.64 8.18 -2.37
C ALA B 17 -14.03 8.10 -2.98
N VAL B 18 -14.41 6.90 -3.43
CA VAL B 18 -15.58 6.64 -4.25
C VAL B 18 -16.45 5.63 -3.51
N GLY B 19 -17.52 6.08 -2.87
CA GLY B 19 -18.54 5.16 -2.39
C GLY B 19 -19.39 4.74 -3.57
N LEU B 20 -19.51 3.45 -3.81
CA LEU B 20 -20.11 2.91 -5.04
C LEU B 20 -20.89 1.64 -4.69
N HIS B 21 -22.13 1.52 -5.23
CA HIS B 21 -22.99 0.34 -5.00
C HIS B 21 -23.61 -0.14 -6.30
N TYR B 22 -23.58 -1.45 -6.53
CA TYR B 22 -24.18 -2.09 -7.70
C TYR B 22 -25.49 -2.80 -7.34
N PHE B 23 -26.50 -2.65 -8.20
CA PHE B 23 -27.76 -3.37 -8.13
C PHE B 23 -27.92 -4.22 -9.40
N SER B 24 -28.03 -5.54 -9.24
CA SER B 24 -28.26 -6.46 -10.36
C SER B 24 -28.59 -7.86 -9.85
N ASP B 25 -29.27 -8.63 -10.72
CA ASP B 25 -29.53 -10.05 -10.49
C ASP B 25 -28.30 -10.94 -10.74
N ASN B 26 -27.32 -10.47 -11.51
CA ASN B 26 -26.02 -11.16 -11.55
C ASN B 26 -25.35 -11.03 -10.18
N ASP B 27 -25.04 -12.16 -9.57
CA ASP B 27 -24.45 -12.21 -8.24
C ASP B 27 -23.02 -11.64 -8.22
N GLY B 28 -22.27 -11.74 -9.34
CA GLY B 28 -20.93 -11.18 -9.43
C GLY B 28 -20.85 -9.67 -9.67
N ASN B 29 -21.98 -9.02 -9.89
CA ASN B 29 -22.13 -7.58 -10.13
C ASN B 29 -23.11 -6.96 -9.17
N ASP B 30 -23.15 -7.41 -7.92
CA ASP B 30 -24.12 -6.93 -6.96
C ASP B 30 -23.43 -6.61 -5.65
N GLY B 31 -23.91 -5.57 -4.96
CA GLY B 31 -23.38 -5.19 -3.65
C GLY B 31 -22.41 -4.02 -3.66
N ASP B 32 -21.62 -3.96 -2.57
CA ASP B 32 -20.62 -2.91 -2.37
C ASP B 32 -19.47 -2.98 -3.38
N LYS B 33 -19.12 -1.81 -3.98
CA LYS B 33 -17.95 -1.73 -4.86
C LYS B 33 -16.98 -0.58 -4.49
N THR B 34 -17.11 -0.03 -3.27
CA THR B 34 -16.28 1.07 -2.79
C THR B 34 -14.78 0.84 -3.03
N TYR B 35 -14.07 1.93 -3.41
CA TYR B 35 -12.62 1.88 -3.60
C TYR B 35 -12.05 3.30 -3.46
N ALA B 36 -10.72 3.37 -3.36
CA ALA B 36 -9.97 4.63 -3.24
C ALA B 36 -8.72 4.56 -4.10
N ARG B 37 -8.23 5.74 -4.51
CA ARG B 37 -7.03 5.89 -5.33
C ARG B 37 -6.06 6.89 -4.69
N LEU B 38 -4.75 6.63 -4.87
CA LEU B 38 -3.72 7.53 -4.34
C LEU B 38 -2.58 7.55 -5.34
N GLY B 39 -1.99 8.73 -5.57
CA GLY B 39 -0.87 8.83 -6.51
C GLY B 39 -0.03 10.09 -6.33
N PHE B 40 1.16 10.10 -6.97
CA PHE B 40 1.96 11.29 -7.09
C PHE B 40 2.36 11.48 -8.54
N LYS B 41 2.57 12.74 -8.89
CA LYS B 41 2.98 13.20 -10.21
C LYS B 41 3.90 14.40 -10.00
N GLY B 42 5.16 14.28 -10.38
CA GLY B 42 6.14 15.30 -10.15
C GLY B 42 6.88 15.67 -11.43
N GLU B 43 7.51 16.84 -11.39
CA GLU B 43 8.07 17.49 -12.57
C GLU B 43 9.25 18.40 -12.17
N THR B 44 10.41 18.31 -12.85
CA THR B 44 11.60 19.07 -12.44
C THR B 44 12.27 19.76 -13.64
N LYS B 45 12.41 21.08 -13.58
CA LYS B 45 13.02 21.86 -14.66
C LYS B 45 14.53 21.66 -14.67
N ILE B 46 15.07 21.14 -15.75
CA ILE B 46 16.50 20.92 -15.79
C ILE B 46 17.22 22.12 -16.43
N ASN B 47 16.78 22.53 -17.61
CA ASN B 47 17.22 23.76 -18.29
C ASN B 47 16.10 24.17 -19.24
N ASP B 48 16.43 25.06 -20.18
CA ASP B 48 15.43 25.69 -21.04
C ASP B 48 14.80 24.71 -22.01
N GLN B 49 15.51 23.62 -22.32
CA GLN B 49 15.04 22.63 -23.29
C GLN B 49 14.71 21.29 -22.65
N LEU B 50 14.71 21.18 -21.33
CA LEU B 50 14.71 19.84 -20.75
C LEU B 50 14.01 19.84 -19.41
N THR B 51 12.96 19.00 -19.30
CA THR B 51 12.19 18.81 -18.07
C THR B 51 12.11 17.32 -17.74
N GLY B 52 12.46 16.96 -16.49
CA GLY B 52 12.23 15.61 -16.00
C GLY B 52 10.87 15.47 -15.32
N TYR B 53 10.29 14.25 -15.36
CA TYR B 53 8.99 14.00 -14.72
C TYR B 53 8.89 12.52 -14.29
N GLY B 54 7.88 12.23 -13.44
CA GLY B 54 7.63 10.89 -12.95
C GLY B 54 6.26 10.81 -12.34
N GLN B 55 5.71 9.57 -12.32
CA GLN B 55 4.34 9.35 -11.86
C GLN B 55 4.16 7.92 -11.32
N TRP B 56 3.33 7.79 -10.25
CA TRP B 56 2.94 6.51 -9.68
C TRP B 56 1.50 6.66 -9.18
N GLU B 57 0.73 5.56 -9.23
CA GLU B 57 -0.69 5.56 -8.89
C GLU B 57 -1.14 4.16 -8.44
N TYR B 58 -1.98 4.09 -7.38
CA TYR B 58 -2.35 2.82 -6.77
C TYR B 58 -3.85 2.75 -6.54
N ASN B 59 -4.39 1.51 -6.57
CA ASN B 59 -5.80 1.22 -6.30
C ASN B 59 -5.94 0.44 -4.99
N PHE B 60 -6.69 1.02 -4.04
CA PHE B 60 -7.03 0.40 -2.74
C PHE B 60 -8.53 0.05 -2.75
N GLN B 61 -8.89 -1.24 -2.79
CA GLN B 61 -10.31 -1.60 -2.72
C GLN B 61 -10.86 -1.27 -1.33
N GLY B 62 -12.09 -0.74 -1.29
CA GLY B 62 -12.77 -0.47 -0.04
C GLY B 62 -13.87 -1.44 0.36
N ASN B 63 -13.97 -2.61 -0.30
CA ASN B 63 -15.03 -3.60 -0.07
C ASN B 63 -14.47 -4.98 0.31
N ASN B 64 -13.26 -5.04 0.88
CA ASN B 64 -12.66 -6.23 1.46
C ASN B 64 -12.83 -6.18 2.97
N SER B 65 -12.78 -7.36 3.60
CA SER B 65 -12.60 -7.38 5.05
C SER B 65 -11.13 -7.02 5.42
N GLU B 66 -10.90 -6.86 6.72
CA GLU B 66 -9.56 -6.77 7.30
C GLU B 66 -8.95 -8.14 7.61
N GLY B 67 -9.50 -9.24 7.08
CA GLY B 67 -8.95 -10.58 7.30
C GLY B 67 -8.13 -11.04 6.12
N ALA B 68 -8.28 -12.33 5.76
CA ALA B 68 -7.42 -12.96 4.75
C ALA B 68 -7.63 -12.43 3.33
N ASP B 69 -8.81 -11.90 2.99
CA ASP B 69 -9.01 -11.31 1.66
C ASP B 69 -8.58 -9.80 1.57
N ALA B 70 -7.81 -9.26 2.53
CA ALA B 70 -7.55 -7.80 2.58
C ALA B 70 -6.94 -7.25 1.30
N GLN B 71 -6.05 -8.01 0.63
CA GLN B 71 -5.31 -7.51 -0.54
C GLN B 71 -6.04 -7.70 -1.84
N SER B 72 -7.27 -8.19 -1.78
CA SER B 72 -7.96 -8.62 -2.99
C SER B 72 -8.29 -7.44 -3.92
N GLY B 73 -7.77 -7.47 -5.15
CA GLY B 73 -8.03 -6.41 -6.10
C GLY B 73 -7.20 -5.13 -5.95
N ASN B 74 -6.20 -5.10 -5.06
CA ASN B 74 -5.28 -3.97 -4.86
C ASN B 74 -4.06 -4.11 -5.76
N LYS B 75 -3.57 -3.00 -6.35
CA LYS B 75 -2.47 -3.06 -7.33
C LYS B 75 -1.94 -1.64 -7.69
N THR B 76 -0.68 -1.60 -8.14
CA THR B 76 -0.15 -0.40 -8.81
C THR B 76 -0.74 -0.30 -10.22
N ARG B 77 -1.28 0.89 -10.57
CA ARG B 77 -1.85 1.10 -11.91
C ARG B 77 -0.81 1.70 -12.88
N LEU B 78 0.07 2.59 -12.38
CA LEU B 78 1.01 3.30 -13.23
C LEU B 78 2.34 3.42 -12.49
N ALA B 79 3.45 3.41 -13.23
CA ALA B 79 4.72 3.70 -12.60
C ALA B 79 5.79 3.92 -13.66
N PHE B 80 6.14 5.20 -13.90
CA PHE B 80 7.05 5.50 -14.98
C PHE B 80 7.82 6.80 -14.71
N ALA B 81 8.94 6.95 -15.43
CA ALA B 81 9.79 8.14 -15.40
C ALA B 81 10.11 8.59 -16.81
N GLY B 82 10.33 9.91 -17.00
CA GLY B 82 10.55 10.41 -18.35
C GLY B 82 11.28 11.76 -18.52
N LEU B 83 11.43 12.16 -19.80
CA LEU B 83 12.12 13.38 -20.18
C LEU B 83 11.33 14.10 -21.26
N LYS B 84 11.10 15.40 -21.06
CA LYS B 84 10.41 16.23 -22.04
C LYS B 84 11.43 17.18 -22.69
N PHE B 85 11.50 17.17 -24.02
CA PHE B 85 12.49 17.96 -24.76
C PHE B 85 11.80 19.16 -25.42
N GLY B 86 11.51 20.21 -24.62
CA GLY B 86 10.92 21.42 -25.16
C GLY B 86 9.78 21.19 -26.15
N ASP B 87 10.05 21.47 -27.43
CA ASP B 87 9.16 21.21 -28.56
C ASP B 87 9.31 19.84 -29.24
N ALA B 88 10.48 19.18 -29.14
CA ALA B 88 10.84 18.00 -29.90
C ALA B 88 10.42 16.65 -29.25
N GLY B 89 9.48 16.65 -28.28
CA GLY B 89 8.83 15.44 -27.82
C GLY B 89 9.11 15.08 -26.38
N SER B 90 8.65 13.88 -26.01
CA SER B 90 8.85 13.29 -24.70
C SER B 90 9.18 11.80 -24.85
N PHE B 91 9.87 11.25 -23.86
CA PHE B 91 10.14 9.81 -23.78
C PHE B 91 9.96 9.33 -22.34
N ASP B 92 9.28 8.20 -22.12
CA ASP B 92 9.18 7.59 -20.79
C ASP B 92 9.18 6.04 -20.85
N TYR B 93 9.53 5.43 -19.70
CA TYR B 93 9.63 3.99 -19.57
C TYR B 93 9.04 3.56 -18.22
N GLY B 94 8.25 2.50 -18.27
CA GLY B 94 7.68 1.85 -17.08
C GLY B 94 6.29 1.27 -17.39
N ARG B 95 5.40 1.34 -16.40
CA ARG B 95 4.01 0.89 -16.57
C ARG B 95 3.14 2.10 -16.90
N ASN B 96 2.57 2.10 -18.10
CA ASN B 96 1.91 3.27 -18.69
C ASN B 96 0.81 2.77 -19.64
N TYR B 97 0.12 3.69 -20.32
CA TYR B 97 -0.95 3.29 -21.24
C TYR B 97 -0.39 2.92 -22.61
N GLY B 98 -0.84 1.78 -23.15
CA GLY B 98 -0.47 1.40 -24.52
C GLY B 98 -1.08 2.34 -25.55
N LEU B 99 -0.43 2.46 -26.71
CA LEU B 99 -0.87 3.48 -27.69
C LEU B 99 -2.24 3.20 -28.33
N VAL B 100 -2.74 1.95 -28.34
CA VAL B 100 -4.07 1.78 -28.94
C VAL B 100 -5.16 2.42 -28.09
N TYR B 101 -4.90 2.63 -26.78
CA TYR B 101 -5.85 3.41 -25.97
C TYR B 101 -5.95 4.87 -26.38
N ASP B 102 -5.00 5.41 -27.17
CA ASP B 102 -5.21 6.72 -27.77
C ASP B 102 -6.48 6.77 -28.61
N ALA B 103 -6.86 5.66 -29.25
CA ALA B 103 -8.11 5.59 -29.98
C ALA B 103 -9.29 5.15 -29.09
N ILE B 104 -9.11 4.07 -28.33
CA ILE B 104 -10.23 3.51 -27.56
C ILE B 104 -10.80 4.49 -26.54
N GLY B 105 -9.98 5.42 -26.03
CA GLY B 105 -10.42 6.35 -25.00
C GLY B 105 -11.54 7.30 -25.40
N ILE B 106 -11.79 7.50 -26.71
CA ILE B 106 -12.74 8.54 -27.10
C ILE B 106 -14.18 8.20 -26.75
N THR B 107 -14.55 6.93 -26.55
CA THR B 107 -15.88 6.58 -26.05
C THR B 107 -15.88 6.21 -24.56
N ASP B 108 -14.73 6.28 -23.89
CA ASP B 108 -14.59 5.89 -22.48
C ASP B 108 -14.91 7.08 -21.59
N MET B 109 -16.18 7.51 -21.65
CA MET B 109 -16.64 8.69 -20.94
C MET B 109 -17.94 8.46 -20.15
N LEU B 110 -18.35 7.21 -19.94
CA LEU B 110 -19.59 6.97 -19.22
C LEU B 110 -19.34 7.20 -17.72
N PRO B 111 -20.39 7.43 -16.94
CA PRO B 111 -20.17 7.62 -15.49
C PRO B 111 -19.55 6.42 -14.80
N GLU B 112 -19.90 5.17 -15.20
CA GLU B 112 -19.38 3.95 -14.56
C GLU B 112 -18.96 2.86 -15.52
N PHE B 113 -19.76 2.59 -16.55
CA PHE B 113 -19.46 1.47 -17.42
C PHE B 113 -18.66 1.99 -18.61
N GLY B 114 -18.70 1.30 -19.73
CA GLY B 114 -18.00 1.77 -20.91
C GLY B 114 -16.55 1.40 -20.90
N GLY B 115 -15.88 1.71 -22.01
CA GLY B 115 -14.46 1.46 -22.14
C GLY B 115 -14.05 0.01 -22.19
N ASP B 116 -14.96 -0.88 -22.64
CA ASP B 116 -14.83 -2.32 -22.40
C ASP B 116 -13.67 -2.98 -23.15
N THR B 117 -13.23 -2.42 -24.28
CA THR B 117 -12.16 -3.08 -25.03
C THR B 117 -10.75 -2.66 -24.58
N GLY B 118 -10.62 -1.61 -23.74
CA GLY B 118 -9.31 -1.25 -23.19
C GLY B 118 -9.10 -1.71 -21.76
N VAL B 119 -8.26 -2.73 -21.55
CA VAL B 119 -8.14 -3.38 -20.26
C VAL B 119 -6.65 -3.50 -19.93
N SER B 120 -6.39 -3.85 -18.67
CA SER B 120 -5.04 -3.93 -18.15
C SER B 120 -4.33 -5.21 -18.61
N ASP B 121 -3.02 -5.09 -18.92
CA ASP B 121 -2.13 -6.21 -19.28
C ASP B 121 -2.63 -6.97 -20.51
N ASN B 122 -2.94 -6.19 -21.56
CA ASN B 122 -3.55 -6.68 -22.78
C ASN B 122 -2.85 -6.03 -24.00
N PHE B 123 -1.54 -6.27 -24.14
CA PHE B 123 -0.69 -5.68 -25.19
C PHE B 123 -0.78 -4.15 -25.17
N PHE B 124 -1.50 -3.52 -26.11
CA PHE B 124 -1.52 -2.05 -26.22
C PHE B 124 -2.89 -1.43 -25.98
N SER B 125 -3.87 -2.17 -25.45
CA SER B 125 -5.22 -1.59 -25.33
C SER B 125 -5.42 -0.81 -24.04
N GLY B 126 -4.58 -1.01 -23.03
CA GLY B 126 -4.72 -0.30 -21.76
C GLY B 126 -3.37 -0.14 -21.06
N ARG B 127 -3.36 -0.30 -19.74
CA ARG B 127 -2.14 -0.18 -18.95
C ARG B 127 -1.37 -1.49 -19.01
N THR B 128 -0.08 -1.42 -19.33
CA THR B 128 0.78 -2.59 -19.48
C THR B 128 2.16 -2.25 -18.90
N GLY B 129 2.84 -3.29 -18.35
CA GLY B 129 4.20 -3.10 -17.86
C GLY B 129 5.26 -3.17 -18.94
N GLY B 130 6.34 -2.40 -18.76
CA GLY B 130 7.51 -2.50 -19.63
C GLY B 130 7.44 -1.77 -20.96
N LEU B 131 6.76 -0.61 -21.01
CA LEU B 131 6.58 0.16 -22.22
C LEU B 131 7.58 1.31 -22.34
N ALA B 132 8.22 1.42 -23.51
CA ALA B 132 9.03 2.58 -23.88
C ALA B 132 8.27 3.39 -24.93
N THR B 133 7.91 4.64 -24.59
CA THR B 133 6.96 5.43 -25.37
C THR B 133 7.55 6.80 -25.77
N TYR B 134 7.55 7.10 -27.08
CA TYR B 134 7.94 8.41 -27.61
C TYR B 134 6.73 9.12 -28.18
N ARG B 135 6.52 10.38 -27.79
CA ARG B 135 5.43 11.19 -28.29
C ARG B 135 5.94 12.55 -28.77
N ASN B 136 5.25 13.13 -29.76
CA ASN B 136 5.58 14.46 -30.27
C ASN B 136 4.27 15.18 -30.51
N SER B 137 4.01 16.23 -29.72
CA SER B 137 2.77 16.98 -29.79
C SER B 137 2.97 18.24 -30.61
N GLY B 138 2.14 18.42 -31.63
CA GLY B 138 2.23 19.59 -32.47
C GLY B 138 3.27 19.50 -33.57
N PHE B 139 3.87 18.33 -33.75
CA PHE B 139 4.78 18.06 -34.86
C PHE B 139 5.88 19.11 -34.97
N PHE B 140 6.71 19.17 -33.93
CA PHE B 140 7.91 20.00 -33.85
C PHE B 140 7.59 21.49 -33.88
N GLY B 141 6.35 21.86 -33.52
CA GLY B 141 5.86 23.23 -33.56
C GLY B 141 5.40 23.73 -34.91
N LEU B 142 5.33 22.86 -35.92
CA LEU B 142 5.10 23.22 -37.31
C LEU B 142 3.66 22.98 -37.77
N VAL B 143 3.11 21.79 -37.51
CA VAL B 143 1.76 21.44 -37.91
C VAL B 143 0.93 21.36 -36.65
N ASP B 144 0.29 22.47 -36.28
CA ASP B 144 -0.46 22.55 -35.04
C ASP B 144 -1.66 21.63 -35.09
N GLY B 145 -2.01 21.07 -33.92
CA GLY B 145 -3.14 20.18 -33.79
C GLY B 145 -2.82 18.73 -34.06
N LEU B 146 -1.66 18.42 -34.63
CA LEU B 146 -1.32 17.09 -35.12
C LEU B 146 -0.36 16.40 -34.15
N ASN B 147 -0.78 15.25 -33.61
CA ASN B 147 -0.02 14.50 -32.62
C ASN B 147 0.35 13.12 -33.16
N PHE B 148 1.52 12.65 -32.74
CA PHE B 148 2.05 11.37 -33.20
C PHE B 148 2.75 10.65 -32.06
N GLY B 149 2.71 9.31 -32.09
CA GLY B 149 3.43 8.50 -31.10
C GLY B 149 3.95 7.20 -31.67
N VAL B 150 5.03 6.68 -31.05
CA VAL B 150 5.58 5.37 -31.38
C VAL B 150 6.10 4.70 -30.11
N GLN B 151 5.97 3.37 -30.02
CA GLN B 151 6.10 2.68 -28.74
C GLN B 151 6.67 1.27 -28.89
N TYR B 152 7.54 0.88 -27.96
CA TYR B 152 8.11 -0.46 -27.92
C TYR B 152 7.64 -1.17 -26.65
N LEU B 153 7.32 -2.46 -26.76
CA LEU B 153 6.81 -3.25 -25.63
C LEU B 153 7.69 -4.46 -25.39
N GLY B 154 8.29 -4.52 -24.19
CA GLY B 154 9.13 -5.66 -23.85
C GLY B 154 8.32 -6.87 -23.39
N LYS B 155 8.96 -8.04 -23.51
CA LYS B 155 8.33 -9.31 -23.16
C LYS B 155 7.99 -9.39 -21.65
N ASN B 156 6.75 -9.81 -21.32
CA ASN B 156 6.35 -10.14 -19.96
C ASN B 156 5.86 -11.60 -19.93
N GLU B 157 6.68 -12.50 -19.38
CA GLU B 157 6.31 -13.92 -19.25
C GLU B 157 5.77 -14.16 -17.86
N ARG B 158 4.46 -14.19 -17.73
CA ARG B 158 3.84 -14.29 -16.41
C ARG B 158 3.18 -15.67 -16.21
N THR B 159 2.98 -16.01 -14.94
CA THR B 159 2.30 -17.24 -14.57
C THR B 159 0.90 -17.32 -15.20
N ASP B 160 0.19 -16.20 -15.26
CA ASP B 160 -1.09 -16.11 -15.93
C ASP B 160 -0.84 -15.75 -17.39
N ALA B 161 -1.17 -16.69 -18.30
CA ALA B 161 -0.93 -16.47 -19.72
C ALA B 161 -1.83 -15.38 -20.29
N LEU B 162 -3.04 -15.21 -19.74
CA LEU B 162 -3.96 -14.17 -20.16
C LEU B 162 -3.50 -12.76 -19.80
N ARG B 163 -2.42 -12.61 -19.02
CA ARG B 163 -1.83 -11.30 -18.72
C ARG B 163 -0.38 -11.18 -19.20
N SER B 164 0.00 -11.96 -20.22
CA SER B 164 1.37 -12.02 -20.72
C SER B 164 1.48 -11.35 -22.10
N ASN B 165 2.71 -11.29 -22.62
CA ASN B 165 2.98 -10.79 -23.95
C ASN B 165 4.44 -11.10 -24.30
N GLY B 166 4.76 -11.08 -25.60
CA GLY B 166 6.11 -11.01 -26.08
C GLY B 166 6.43 -9.63 -26.63
N ASP B 167 7.62 -9.50 -27.23
CA ASP B 167 8.07 -8.19 -27.73
C ASP B 167 7.12 -7.68 -28.82
N GLY B 168 6.99 -6.36 -28.93
CA GLY B 168 6.09 -5.75 -29.90
C GLY B 168 6.32 -4.26 -30.05
N TRP B 169 5.56 -3.64 -30.97
CA TRP B 169 5.69 -2.23 -31.26
C TRP B 169 4.32 -1.67 -31.61
N ALA B 170 4.12 -0.35 -31.44
CA ALA B 170 2.85 0.28 -31.79
C ALA B 170 3.08 1.72 -32.24
N THR B 171 2.04 2.32 -32.81
CA THR B 171 2.07 3.70 -33.28
C THR B 171 0.65 4.25 -33.36
N SER B 172 0.54 5.57 -33.30
CA SER B 172 -0.74 6.27 -33.27
C SER B 172 -0.57 7.67 -33.84
N LEU B 173 -1.69 8.31 -34.17
CA LEU B 173 -1.66 9.62 -34.81
C LEU B 173 -3.04 10.28 -34.64
N SER B 174 -3.08 11.59 -34.40
CA SER B 174 -4.37 12.25 -34.22
C SER B 174 -4.28 13.69 -34.68
N TYR B 175 -5.45 14.25 -35.05
CA TYR B 175 -5.50 15.64 -35.47
C TYR B 175 -6.76 16.27 -34.90
N ASP B 176 -6.63 17.50 -34.41
CA ASP B 176 -7.76 18.24 -33.88
C ASP B 176 -7.81 19.60 -34.54
N PHE B 177 -9.03 20.06 -34.81
CA PHE B 177 -9.20 21.39 -35.39
C PHE B 177 -10.65 21.80 -35.19
N ASP B 178 -10.86 22.97 -34.58
CA ASP B 178 -12.15 23.62 -34.52
C ASP B 178 -13.18 22.79 -33.75
N GLY B 179 -12.72 22.08 -32.71
CA GLY B 179 -13.59 21.25 -31.92
C GLY B 179 -13.76 19.82 -32.41
N PHE B 180 -13.38 19.53 -33.66
CA PHE B 180 -13.40 18.18 -34.22
C PHE B 180 -12.05 17.52 -34.06
N GLY B 181 -12.06 16.19 -33.93
CA GLY B 181 -10.83 15.43 -33.83
C GLY B 181 -10.93 14.10 -34.54
N ILE B 182 -9.79 13.56 -34.88
CA ILE B 182 -9.72 12.26 -35.54
C ILE B 182 -8.49 11.54 -35.02
N VAL B 183 -8.55 10.21 -34.95
CA VAL B 183 -7.46 9.42 -34.39
C VAL B 183 -7.48 7.99 -34.95
N GLY B 184 -6.28 7.42 -35.13
CA GLY B 184 -6.13 6.00 -35.41
C GLY B 184 -4.84 5.51 -34.77
N ALA B 185 -4.79 4.20 -34.52
CA ALA B 185 -3.63 3.62 -33.85
C ALA B 185 -3.58 2.11 -34.17
N TYR B 186 -2.35 1.57 -34.21
CA TYR B 186 -2.09 0.18 -34.54
C TYR B 186 -0.90 -0.33 -33.74
N GLY B 187 -0.99 -1.57 -33.24
CA GLY B 187 0.15 -2.24 -32.65
C GLY B 187 0.13 -3.74 -32.95
N ALA B 188 1.32 -4.36 -32.90
CA ALA B 188 1.45 -5.78 -33.17
C ALA B 188 2.56 -6.34 -32.29
N ALA B 189 2.39 -7.61 -31.88
CA ALA B 189 3.31 -8.22 -30.94
C ALA B 189 3.32 -9.73 -31.10
N ASP B 190 4.42 -10.36 -30.65
CA ASP B 190 4.51 -11.81 -30.52
C ASP B 190 3.72 -12.30 -29.32
N ARG B 191 3.26 -13.54 -29.40
CA ARG B 191 2.58 -14.23 -28.32
C ARG B 191 3.52 -15.21 -27.65
N THR B 192 3.28 -15.49 -26.37
CA THR B 192 4.23 -16.33 -25.67
C THR B 192 3.92 -17.80 -25.94
N ASN B 193 4.86 -18.65 -25.55
CA ASN B 193 4.77 -20.06 -25.85
C ASN B 193 3.51 -20.66 -25.22
N ALA B 194 3.22 -20.25 -23.98
CA ALA B 194 2.04 -20.71 -23.24
C ALA B 194 0.75 -20.12 -23.77
N GLN B 195 0.79 -18.91 -24.32
CA GLN B 195 -0.44 -18.31 -24.84
C GLN B 195 -0.98 -19.09 -26.02
N GLN B 196 -0.11 -19.81 -26.72
CA GLN B 196 -0.49 -20.55 -27.90
C GLN B 196 -1.07 -21.93 -27.60
N ASN B 197 -1.11 -22.33 -26.32
CA ASN B 197 -1.66 -23.60 -25.86
C ASN B 197 -2.98 -23.44 -25.11
N LEU B 198 -3.70 -22.36 -25.32
CA LEU B 198 -4.96 -22.15 -24.62
C LEU B 198 -6.13 -22.69 -25.44
N GLN B 199 -7.32 -22.74 -24.80
CA GLN B 199 -8.49 -23.37 -25.42
C GLN B 199 -9.01 -22.53 -26.56
N TRP B 200 -8.97 -21.20 -26.44
CA TRP B 200 -9.40 -20.29 -27.49
C TRP B 200 -8.20 -19.46 -27.96
N GLY B 201 -8.09 -19.25 -29.28
CA GLY B 201 -7.11 -18.41 -29.96
C GLY B 201 -5.83 -19.10 -30.38
N LYS B 202 -5.52 -19.11 -31.68
CA LYS B 202 -4.28 -19.71 -32.20
C LYS B 202 -3.61 -18.79 -33.21
N GLY B 203 -2.29 -18.92 -33.25
CA GLY B 203 -1.41 -18.06 -34.02
C GLY B 203 -0.29 -17.64 -33.07
N ASP B 204 0.87 -17.31 -33.64
CA ASP B 204 2.01 -16.88 -32.84
C ASP B 204 2.13 -15.34 -32.76
N LYS B 205 1.16 -14.61 -33.32
CA LYS B 205 1.10 -13.16 -33.53
C LYS B 205 -0.21 -12.54 -33.08
N ALA B 206 -0.11 -11.40 -32.39
CA ALA B 206 -1.25 -10.58 -31.98
C ALA B 206 -1.20 -9.20 -32.62
N GLU B 207 -2.40 -8.64 -32.92
CA GLU B 207 -2.59 -7.33 -33.54
C GLU B 207 -3.80 -6.64 -32.92
N GLN B 208 -3.73 -5.31 -32.83
CA GLN B 208 -4.83 -4.47 -32.36
C GLN B 208 -4.80 -3.17 -33.14
N TRP B 209 -6.00 -2.66 -33.51
CA TRP B 209 -6.08 -1.31 -34.07
C TRP B 209 -7.50 -0.77 -33.84
N ALA B 210 -7.60 0.56 -33.86
CA ALA B 210 -8.91 1.20 -33.70
C ALA B 210 -8.83 2.57 -34.34
N THR B 211 -9.99 3.14 -34.65
CA THR B 211 -10.04 4.44 -35.31
C THR B 211 -11.36 5.10 -34.92
N GLY B 212 -11.36 6.43 -34.85
CA GLY B 212 -12.57 7.08 -34.36
C GLY B 212 -12.51 8.57 -34.56
N LEU B 213 -13.64 9.23 -34.31
CA LEU B 213 -13.64 10.69 -34.36
C LEU B 213 -14.70 11.28 -33.44
N LYS B 214 -14.63 12.60 -33.25
CA LYS B 214 -15.35 13.23 -32.15
C LYS B 214 -15.63 14.71 -32.43
N TYR B 215 -16.68 15.21 -31.79
CA TYR B 215 -16.97 16.63 -31.71
C TYR B 215 -17.05 17.00 -30.24
N ASP B 216 -16.28 18.02 -29.84
CA ASP B 216 -16.12 18.34 -28.42
C ASP B 216 -15.99 19.86 -28.29
N ALA B 217 -17.13 20.53 -28.15
CA ALA B 217 -17.16 21.98 -28.00
C ALA B 217 -18.59 22.41 -27.73
N ASN B 218 -18.73 23.60 -27.13
CA ASN B 218 -20.02 24.24 -26.87
C ASN B 218 -20.97 23.33 -26.13
N ASN B 219 -20.47 22.72 -25.05
CA ASN B 219 -21.21 21.86 -24.13
C ASN B 219 -21.68 20.53 -24.74
N ILE B 220 -21.11 20.11 -25.86
CA ILE B 220 -21.55 18.91 -26.58
C ILE B 220 -20.36 17.95 -26.72
N TYR B 221 -20.58 16.67 -26.42
CA TYR B 221 -19.57 15.65 -26.70
C TYR B 221 -20.21 14.52 -27.49
N LEU B 222 -19.66 14.23 -28.67
CA LEU B 222 -20.12 13.10 -29.48
C LEU B 222 -18.92 12.37 -30.05
N ALA B 223 -18.97 11.04 -30.04
CA ALA B 223 -17.82 10.30 -30.55
C ALA B 223 -18.22 8.88 -30.94
N ALA B 224 -17.50 8.33 -31.90
CA ALA B 224 -17.72 6.99 -32.39
C ALA B 224 -16.38 6.36 -32.70
N LEU B 225 -16.29 5.06 -32.47
CA LEU B 225 -15.08 4.25 -32.50
C LEU B 225 -15.39 2.90 -33.14
N TYR B 226 -14.45 2.40 -33.96
CA TYR B 226 -14.50 1.05 -34.53
C TYR B 226 -13.09 0.48 -34.58
N GLY B 227 -12.93 -0.81 -34.26
CA GLY B 227 -11.64 -1.44 -34.39
C GLY B 227 -11.74 -2.95 -34.41
N GLU B 228 -10.57 -3.61 -34.57
CA GLU B 228 -10.50 -5.07 -34.64
C GLU B 228 -9.25 -5.59 -33.95
N MET B 229 -9.34 -6.80 -33.38
CA MET B 229 -8.24 -7.45 -32.66
C MET B 229 -8.07 -8.88 -33.13
N ARG B 230 -6.81 -9.29 -33.36
CA ARG B 230 -6.45 -10.65 -33.78
C ARG B 230 -5.58 -11.34 -32.73
N ASN B 231 -6.09 -12.43 -32.16
CA ASN B 231 -5.46 -13.17 -31.07
C ASN B 231 -5.18 -12.30 -29.84
N ALA B 232 -6.03 -11.31 -29.59
CA ALA B 232 -5.70 -10.29 -28.62
C ALA B 232 -6.85 -9.85 -27.71
N ALA B 233 -8.12 -10.07 -28.06
CA ALA B 233 -9.19 -9.75 -27.13
C ALA B 233 -9.30 -10.87 -26.10
N ARG B 234 -9.21 -10.52 -24.82
CA ARG B 234 -9.17 -11.51 -23.75
C ARG B 234 -10.59 -11.93 -23.36
N LEU B 235 -10.86 -13.22 -23.47
CA LEU B 235 -12.12 -13.85 -23.05
C LEU B 235 -11.83 -14.78 -21.88
N ASP B 236 -12.87 -15.50 -21.43
CA ASP B 236 -12.71 -16.29 -20.21
C ASP B 236 -11.66 -17.39 -20.36
N ASN B 237 -11.62 -18.07 -21.51
CA ASN B 237 -10.80 -19.26 -21.63
C ASN B 237 -9.68 -19.09 -22.65
N GLY B 238 -9.22 -17.87 -22.86
CA GLY B 238 -8.17 -17.62 -23.83
C GLY B 238 -8.42 -16.35 -24.62
N PHE B 239 -8.06 -16.35 -25.89
CA PHE B 239 -8.19 -15.17 -26.71
C PHE B 239 -9.08 -15.44 -27.92
N ALA B 240 -9.93 -14.48 -28.26
CA ALA B 240 -10.71 -14.59 -29.49
C ALA B 240 -9.82 -14.42 -30.70
N ASN B 241 -10.06 -15.24 -31.72
CA ASN B 241 -9.22 -15.22 -32.90
C ASN B 241 -9.42 -13.93 -33.70
N LYS B 242 -10.66 -13.46 -33.84
CA LYS B 242 -10.88 -12.12 -34.35
C LYS B 242 -12.07 -11.49 -33.66
N THR B 243 -12.12 -10.16 -33.73
CA THR B 243 -13.19 -9.39 -33.13
C THR B 243 -13.53 -8.23 -34.05
N GLN B 244 -14.75 -7.74 -33.91
CA GLN B 244 -15.17 -6.48 -34.50
C GLN B 244 -15.80 -5.68 -33.38
N ASP B 245 -15.30 -4.48 -33.16
CA ASP B 245 -15.63 -3.74 -31.94
C ASP B 245 -16.18 -2.38 -32.32
N PHE B 246 -17.26 -2.00 -31.67
CA PHE B 246 -17.89 -0.73 -32.02
C PHE B 246 -18.46 -0.10 -30.75
N SER B 247 -18.37 1.24 -30.66
CA SER B 247 -18.98 2.00 -29.57
C SER B 247 -19.32 3.40 -30.06
N VAL B 248 -20.28 4.03 -29.40
CA VAL B 248 -20.72 5.38 -29.76
C VAL B 248 -21.38 6.01 -28.54
N VAL B 249 -21.19 7.33 -28.34
CA VAL B 249 -21.68 8.02 -27.13
C VAL B 249 -22.08 9.47 -27.44
N ALA B 250 -23.03 10.00 -26.64
CA ALA B 250 -23.45 11.40 -26.80
C ALA B 250 -23.79 12.03 -25.45
N GLN B 251 -23.25 13.23 -25.20
CA GLN B 251 -23.36 13.87 -23.89
C GLN B 251 -23.60 15.37 -24.03
N TYR B 252 -24.27 15.96 -23.06
CA TYR B 252 -24.46 17.41 -23.01
C TYR B 252 -24.21 17.89 -21.59
N GLN B 253 -23.56 19.04 -21.46
CA GLN B 253 -23.19 19.60 -20.16
C GLN B 253 -23.99 20.86 -19.89
N PHE B 254 -24.95 20.77 -18.95
CA PHE B 254 -25.72 21.92 -18.48
C PHE B 254 -24.91 22.79 -17.53
N ASP B 255 -25.24 24.09 -17.51
CA ASP B 255 -24.46 25.07 -16.75
C ASP B 255 -24.57 24.87 -15.25
N PHE B 256 -25.68 24.34 -14.78
CA PHE B 256 -25.85 24.18 -13.34
C PHE B 256 -25.22 22.90 -12.79
N GLY B 257 -24.50 22.13 -13.61
CA GLY B 257 -23.72 20.99 -13.15
C GLY B 257 -24.08 19.63 -13.74
N LEU B 258 -25.28 19.46 -14.30
CA LEU B 258 -25.76 18.15 -14.73
C LEU B 258 -25.24 17.73 -16.11
N ARG B 259 -24.91 16.45 -16.26
CA ARG B 259 -24.37 15.98 -17.54
C ARG B 259 -24.92 14.60 -17.89
N PRO B 260 -26.00 14.56 -18.67
CA PRO B 260 -26.57 13.26 -19.09
C PRO B 260 -25.77 12.65 -20.23
N SER B 261 -25.91 11.32 -20.37
CA SER B 261 -25.11 10.53 -21.30
C SER B 261 -25.91 9.33 -21.83
N ILE B 262 -25.76 9.03 -23.13
CA ILE B 262 -26.29 7.80 -23.75
C ILE B 262 -25.22 7.22 -24.67
N ALA B 263 -25.16 5.89 -24.72
CA ALA B 263 -24.10 5.25 -25.49
C ALA B 263 -24.55 3.85 -25.89
N TYR B 264 -23.84 3.28 -26.86
CA TYR B 264 -24.16 1.93 -27.30
C TYR B 264 -22.87 1.21 -27.64
N TYR B 265 -22.70 -0.01 -27.13
CA TYR B 265 -21.48 -0.78 -27.27
C TYR B 265 -21.84 -2.15 -27.83
N LYS B 266 -21.17 -2.55 -28.90
CA LYS B 266 -21.34 -3.89 -29.47
C LYS B 266 -20.00 -4.40 -29.96
N SER B 267 -19.60 -5.56 -29.48
CA SER B 267 -18.41 -6.25 -29.96
C SER B 267 -18.76 -7.71 -30.25
N LYS B 268 -18.30 -8.21 -31.38
CA LYS B 268 -18.57 -9.60 -31.76
C LYS B 268 -17.26 -10.37 -31.87
N ALA B 269 -17.20 -11.54 -31.21
CA ALA B 269 -16.06 -12.42 -31.37
C ALA B 269 -16.33 -13.38 -32.53
N LYS B 270 -15.29 -13.68 -33.28
CA LYS B 270 -15.38 -14.44 -34.53
C LYS B 270 -14.40 -15.58 -34.49
N ASP B 271 -14.84 -16.73 -35.00
CA ASP B 271 -14.04 -17.94 -35.16
C ASP B 271 -13.46 -18.44 -33.84
N VAL B 272 -14.33 -18.58 -32.85
CA VAL B 272 -13.93 -19.19 -31.59
C VAL B 272 -14.03 -20.71 -31.72
N GLU B 273 -12.94 -21.39 -31.37
CA GLU B 273 -12.88 -22.85 -31.45
C GLU B 273 -14.11 -23.47 -30.79
N GLY B 274 -14.90 -24.21 -31.59
CA GLY B 274 -16.09 -24.84 -31.05
C GLY B 274 -17.31 -23.95 -30.86
N ILE B 275 -17.28 -22.71 -31.35
CA ILE B 275 -18.35 -21.73 -31.11
C ILE B 275 -18.70 -20.96 -32.38
N GLY B 276 -17.71 -20.62 -33.18
CA GLY B 276 -17.96 -19.85 -34.39
C GLY B 276 -17.98 -18.37 -34.03
N ASP B 277 -19.06 -17.69 -34.42
CA ASP B 277 -19.30 -16.29 -34.15
C ASP B 277 -20.27 -16.17 -32.99
N GLU B 278 -20.11 -15.11 -32.20
CA GLU B 278 -20.94 -14.84 -31.02
C GLU B 278 -20.57 -13.47 -30.45
N ASP B 279 -21.58 -12.74 -29.99
CA ASP B 279 -21.33 -11.47 -29.31
C ASP B 279 -20.70 -11.69 -27.93
N TYR B 280 -19.71 -10.84 -27.58
CA TYR B 280 -19.16 -10.85 -26.24
C TYR B 280 -19.40 -9.54 -25.50
N ILE B 281 -19.84 -8.47 -26.17
CA ILE B 281 -20.32 -7.23 -25.55
C ILE B 281 -21.52 -6.71 -26.33
N ASN B 282 -22.57 -6.28 -25.63
CA ASN B 282 -23.74 -5.68 -26.29
C ASN B 282 -24.67 -5.01 -25.29
N TYR B 283 -24.70 -3.67 -25.26
CA TYR B 283 -25.55 -3.03 -24.26
C TYR B 283 -25.84 -1.59 -24.67
N ILE B 284 -26.91 -1.05 -24.09
CA ILE B 284 -27.29 0.33 -24.20
C ILE B 284 -27.07 0.94 -22.82
N ASP B 285 -26.61 2.18 -22.77
CA ASP B 285 -26.26 2.77 -21.48
C ASP B 285 -26.87 4.16 -21.39
N ILE B 286 -27.54 4.43 -20.28
CA ILE B 286 -28.11 5.75 -19.98
C ILE B 286 -27.73 6.09 -18.55
N GLY B 287 -27.25 7.32 -18.34
CA GLY B 287 -26.87 7.72 -17.00
C GLY B 287 -26.63 9.21 -16.96
N ALA B 288 -26.22 9.69 -15.77
CA ALA B 288 -25.93 11.11 -15.63
C ALA B 288 -25.02 11.35 -14.43
N THR B 289 -24.18 12.38 -14.54
CA THR B 289 -23.36 12.87 -13.44
C THR B 289 -23.80 14.29 -13.08
N TYR B 290 -23.80 14.57 -11.78
CA TYR B 290 -24.03 15.90 -11.26
C TYR B 290 -22.75 16.35 -10.56
N TYR B 291 -22.13 17.42 -11.08
CA TYR B 291 -20.88 17.95 -10.54
C TYR B 291 -21.20 19.07 -9.58
N PHE B 292 -20.93 18.87 -8.29
CA PHE B 292 -21.14 19.97 -7.34
C PHE B 292 -20.10 21.08 -7.51
N ASN B 293 -18.86 20.72 -7.88
CA ASN B 293 -17.71 21.57 -8.17
C ASN B 293 -16.59 20.65 -8.64
N LYS B 294 -15.36 21.14 -8.72
CA LYS B 294 -14.30 20.29 -9.29
C LYS B 294 -13.81 19.21 -8.32
N ASN B 295 -14.28 19.20 -7.07
CA ASN B 295 -13.82 18.21 -6.08
C ASN B 295 -14.89 17.21 -5.62
N MET B 296 -16.18 17.38 -5.97
CA MET B 296 -17.25 16.52 -5.47
C MET B 296 -18.31 16.29 -6.53
N SER B 297 -18.79 15.05 -6.66
CA SER B 297 -19.81 14.72 -7.64
C SER B 297 -20.56 13.45 -7.23
N THR B 298 -21.67 13.18 -7.92
CA THR B 298 -22.49 12.00 -7.71
C THR B 298 -23.05 11.58 -9.06
N TYR B 299 -23.31 10.27 -9.20
CA TYR B 299 -23.77 9.76 -10.50
C TYR B 299 -24.62 8.50 -10.35
N VAL B 300 -25.41 8.24 -11.39
CA VAL B 300 -26.18 7.01 -11.57
C VAL B 300 -25.95 6.51 -12.98
N ASP B 301 -25.65 5.22 -13.12
CA ASP B 301 -25.40 4.62 -14.43
C ASP B 301 -26.25 3.36 -14.57
N TYR B 302 -26.92 3.20 -15.72
CA TYR B 302 -27.91 2.16 -16.00
C TYR B 302 -27.45 1.38 -17.20
N GLN B 303 -26.97 0.15 -16.98
CA GLN B 303 -26.48 -0.69 -18.06
C GLN B 303 -27.59 -1.64 -18.54
N ILE B 304 -28.02 -1.46 -19.79
CA ILE B 304 -29.15 -2.22 -20.33
C ILE B 304 -28.59 -3.27 -21.28
N ASN B 305 -28.43 -4.47 -20.75
CA ASN B 305 -27.83 -5.57 -21.46
C ASN B 305 -28.76 -6.11 -22.55
N GLN B 306 -28.20 -6.37 -23.74
CA GLN B 306 -29.02 -6.99 -24.78
C GLN B 306 -28.37 -8.23 -25.37
N LEU B 307 -27.46 -8.86 -24.65
CA LEU B 307 -27.01 -10.21 -24.99
C LEU B 307 -28.13 -11.22 -24.67
N LYS B 308 -28.00 -12.44 -25.19
CA LYS B 308 -29.10 -13.39 -25.07
C LYS B 308 -28.82 -14.40 -23.96
N ASP B 309 -29.91 -14.97 -23.39
CA ASP B 309 -29.73 -15.84 -22.24
C ASP B 309 -29.14 -17.20 -22.60
N ASP B 310 -29.04 -17.55 -23.89
CA ASP B 310 -28.39 -18.79 -24.31
C ASP B 310 -27.09 -18.50 -25.08
N ASN B 311 -26.33 -17.52 -24.59
CA ASN B 311 -25.10 -17.08 -25.25
C ASN B 311 -24.10 -18.22 -25.35
N LYS B 312 -23.39 -18.28 -26.48
CA LYS B 312 -22.59 -19.47 -26.77
C LYS B 312 -21.26 -19.44 -26.05
N LEU B 313 -20.84 -18.27 -25.53
CA LEU B 313 -19.68 -18.13 -24.67
C LEU B 313 -20.07 -18.03 -23.20
N GLY B 314 -21.35 -18.25 -22.88
CA GLY B 314 -21.82 -18.26 -21.50
C GLY B 314 -21.74 -16.94 -20.78
N ILE B 315 -21.73 -15.82 -21.50
CA ILE B 315 -21.55 -14.52 -20.88
C ILE B 315 -22.88 -14.08 -20.29
N ASN B 316 -22.84 -13.60 -19.06
CA ASN B 316 -24.07 -13.27 -18.34
C ASN B 316 -24.81 -12.13 -19.04
N ASN B 317 -26.12 -12.08 -18.84
CA ASN B 317 -26.92 -11.17 -19.65
C ASN B 317 -27.88 -10.31 -18.83
N ASP B 318 -27.69 -10.22 -17.52
CA ASP B 318 -28.56 -9.35 -16.72
C ASP B 318 -28.16 -7.87 -16.88
N ASP B 319 -29.05 -7.01 -16.39
CA ASP B 319 -28.86 -5.56 -16.30
C ASP B 319 -28.11 -5.22 -15.01
N THR B 320 -27.58 -3.97 -14.95
CA THR B 320 -26.99 -3.44 -13.71
C THR B 320 -27.23 -1.94 -13.60
N VAL B 321 -27.52 -1.48 -12.39
CA VAL B 321 -27.53 -0.06 -12.04
C VAL B 321 -26.43 0.22 -11.00
N ALA B 322 -25.64 1.27 -11.25
CA ALA B 322 -24.59 1.72 -10.35
C ALA B 322 -24.92 3.12 -9.87
N VAL B 323 -24.69 3.36 -8.58
CA VAL B 323 -24.89 4.65 -7.92
C VAL B 323 -23.60 4.98 -7.19
N GLY B 324 -23.06 6.19 -7.41
CA GLY B 324 -21.74 6.53 -6.87
C GLY B 324 -21.73 7.92 -6.26
N LEU B 325 -20.88 8.09 -5.22
CA LEU B 325 -20.64 9.39 -4.60
C LEU B 325 -19.12 9.59 -4.47
N VAL B 326 -18.57 10.65 -5.10
CA VAL B 326 -17.11 10.76 -5.34
C VAL B 326 -16.53 12.03 -4.72
N TYR B 327 -15.57 11.88 -3.80
CA TYR B 327 -14.69 12.98 -3.40
C TYR B 327 -13.28 12.79 -4.00
N GLN B 328 -12.71 13.85 -4.62
CA GLN B 328 -11.39 13.81 -5.22
C GLN B 328 -10.59 15.10 -4.94
N PHE B 329 -9.26 14.98 -4.93
CA PHE B 329 -8.38 16.11 -4.65
C PHE B 329 -7.15 16.04 -5.55
N ALA C 1 -1.85 16.18 9.39
CA ALA C 1 -1.39 17.55 9.06
C ALA C 1 -2.14 18.14 7.88
N GLU C 2 -2.57 19.41 8.01
CA GLU C 2 -3.18 20.14 6.90
C GLU C 2 -2.09 20.59 5.95
N ILE C 3 -2.04 20.01 4.75
CA ILE C 3 -0.97 20.27 3.81
C ILE C 3 -1.45 21.00 2.60
N TYR C 4 -2.75 21.31 2.54
CA TYR C 4 -3.37 21.99 1.41
C TYR C 4 -4.62 22.67 1.93
N ASN C 5 -4.82 23.94 1.53
CA ASN C 5 -5.96 24.74 2.02
C ASN C 5 -6.09 25.92 1.08
N LYS C 6 -6.97 25.80 0.09
CA LYS C 6 -6.96 26.73 -1.05
C LYS C 6 -8.30 26.71 -1.75
N ASP C 7 -8.87 27.90 -2.00
CA ASP C 7 -10.09 28.02 -2.83
C ASP C 7 -11.22 27.06 -2.37
N GLY C 8 -11.41 26.91 -1.07
CA GLY C 8 -12.51 26.09 -0.57
C GLY C 8 -12.24 24.60 -0.37
N ASN C 9 -11.08 24.06 -0.79
CA ASN C 9 -10.73 22.66 -0.52
C ASN C 9 -9.65 22.65 0.55
N LYS C 10 -9.82 21.80 1.56
CA LYS C 10 -8.74 21.47 2.48
C LYS C 10 -8.43 19.99 2.44
N LEU C 11 -7.15 19.67 2.69
CA LEU C 11 -6.69 18.29 2.67
C LEU C 11 -5.72 18.04 3.80
N ASP C 12 -6.07 17.09 4.68
CA ASP C 12 -5.22 16.61 5.76
C ASP C 12 -4.55 15.30 5.33
N LEU C 13 -3.20 15.25 5.38
CA LEU C 13 -2.45 13.99 5.32
C LEU C 13 -1.94 13.68 6.73
N TYR C 14 -2.35 12.53 7.30
CA TYR C 14 -2.07 12.16 8.69
C TYR C 14 -1.50 10.75 8.78
N GLY C 15 -0.91 10.43 9.94
CA GLY C 15 -0.41 9.08 10.17
C GLY C 15 0.41 9.00 11.45
N LYS C 16 1.02 7.83 11.64
CA LYS C 16 1.92 7.61 12.77
C LYS C 16 2.84 6.41 12.56
N ALA C 17 3.96 6.43 13.31
CA ALA C 17 4.90 5.31 13.39
C ALA C 17 4.95 4.87 14.83
N VAL C 18 4.65 3.60 15.09
CA VAL C 18 4.48 3.11 16.46
C VAL C 18 5.49 1.99 16.71
N GLY C 19 6.57 2.28 17.42
CA GLY C 19 7.44 1.20 17.90
C GLY C 19 6.79 0.51 19.09
N LEU C 20 6.63 -0.82 19.01
CA LEU C 20 5.80 -1.49 20.02
C LEU C 20 6.31 -2.90 20.33
N HIS C 21 6.40 -3.22 21.63
CA HIS C 21 6.83 -4.55 22.07
C HIS C 21 5.92 -5.10 23.17
N TYR C 22 5.54 -6.38 23.04
CA TYR C 22 4.77 -7.15 24.02
C TYR C 22 5.64 -8.15 24.77
N PHE C 23 5.43 -8.25 26.09
CA PHE C 23 6.03 -9.26 26.96
C PHE C 23 4.90 -10.08 27.55
N SER C 24 4.88 -11.40 27.28
CA SER C 24 3.84 -12.35 27.70
C SER C 24 4.29 -13.81 27.52
N ASP C 25 3.82 -14.69 28.40
CA ASP C 25 4.19 -16.10 28.24
C ASP C 25 3.46 -16.74 27.08
N ASN C 26 2.37 -16.14 26.62
CA ASN C 26 1.72 -16.62 25.40
C ASN C 26 2.67 -16.46 24.20
N ASP C 27 2.54 -17.37 23.23
CA ASP C 27 3.38 -17.31 22.04
C ASP C 27 2.95 -16.19 21.10
N GLY C 28 1.64 -16.07 20.90
CA GLY C 28 1.00 -15.14 20.00
C GLY C 28 0.85 -13.74 20.52
N ASN C 29 1.19 -13.51 21.78
CA ASN C 29 1.14 -12.15 22.31
C ASN C 29 2.51 -11.78 22.87
N ASP C 30 3.59 -12.25 22.24
CA ASP C 30 4.94 -11.92 22.69
C ASP C 30 5.82 -11.57 21.49
N GLY C 31 6.68 -10.57 21.66
CA GLY C 31 7.61 -10.13 20.63
C GLY C 31 7.29 -8.75 20.06
N ASP C 32 7.87 -8.50 18.87
CA ASP C 32 7.67 -7.26 18.14
C ASP C 32 6.23 -7.08 17.62
N LYS C 33 5.65 -5.89 17.86
CA LYS C 33 4.31 -5.54 17.34
C LYS C 33 4.25 -4.19 16.63
N THR C 34 5.40 -3.61 16.27
CA THR C 34 5.56 -2.34 15.55
C THR C 34 4.65 -2.23 14.32
N TYR C 35 4.10 -1.04 14.10
CA TYR C 35 3.22 -0.81 12.95
C TYR C 35 3.20 0.68 12.59
N ALA C 36 2.66 1.00 11.41
CA ALA C 36 2.53 2.36 10.91
C ALA C 36 1.14 2.55 10.32
N ARG C 37 0.65 3.83 10.33
CA ARG C 37 -0.64 4.24 9.75
C ARG C 37 -0.48 5.41 8.75
N LEU C 38 -1.30 5.41 7.68
CA LEU C 38 -1.33 6.49 6.72
C LEU C 38 -2.76 6.74 6.28
N GLY C 39 -3.16 8.04 6.14
CA GLY C 39 -4.49 8.37 5.61
C GLY C 39 -4.65 9.80 5.11
N PHE C 40 -5.76 10.03 4.40
CA PHE C 40 -6.19 11.37 4.05
C PHE C 40 -7.64 11.65 4.45
N LYS C 41 -7.93 12.93 4.73
CA LYS C 41 -9.25 13.48 5.10
C LYS C 41 -9.36 14.82 4.41
N GLY C 42 -10.33 14.96 3.50
CA GLY C 42 -10.48 16.15 2.70
C GLY C 42 -11.91 16.68 2.84
N GLU C 43 -12.07 17.96 2.51
CA GLU C 43 -13.30 18.72 2.79
C GLU C 43 -13.40 19.86 1.79
N THR C 44 -14.56 20.04 1.15
CA THR C 44 -14.72 21.03 0.07
C THR C 44 -16.04 21.81 0.22
N LYS C 45 -15.94 23.15 0.29
CA LYS C 45 -17.12 24.00 0.45
C LYS C 45 -17.85 24.13 -0.90
N ILE C 46 -19.07 23.61 -0.99
CA ILE C 46 -19.84 23.68 -2.24
C ILE C 46 -20.70 24.95 -2.29
N ASN C 47 -21.45 25.22 -1.24
CA ASN C 47 -22.18 26.47 -1.09
C ASN C 47 -22.39 26.69 0.39
N ASP C 48 -23.30 27.60 0.74
CA ASP C 48 -23.48 27.98 2.13
C ASP C 48 -24.14 26.89 2.96
N GLN C 49 -24.86 25.95 2.34
CA GLN C 49 -25.57 24.93 3.12
C GLN C 49 -25.08 23.51 2.88
N LEU C 50 -23.97 23.31 2.16
CA LEU C 50 -23.56 22.00 1.66
C LEU C 50 -22.04 21.94 1.61
N THR C 51 -21.46 20.88 2.17
CA THR C 51 -20.02 20.62 2.10
C THR C 51 -19.77 19.14 1.89
N GLY C 52 -18.97 18.79 0.85
CA GLY C 52 -18.54 17.41 0.59
C GLY C 52 -17.23 17.03 1.27
N TYR C 53 -17.06 15.73 1.55
CA TYR C 53 -15.92 15.20 2.29
C TYR C 53 -15.62 13.77 1.89
N GLY C 54 -14.44 13.30 2.32
CA GLY C 54 -13.94 11.97 2.04
C GLY C 54 -12.77 11.64 2.93
N GLN C 55 -12.56 10.34 3.14
CA GLN C 55 -11.52 9.86 4.03
C GLN C 55 -11.08 8.43 3.66
N TRP C 56 -9.78 8.15 3.79
CA TRP C 56 -9.19 6.81 3.60
C TRP C 56 -8.04 6.64 4.58
N GLU C 57 -7.87 5.42 5.08
CA GLU C 57 -6.87 5.12 6.11
C GLU C 57 -6.42 3.67 6.01
N TYR C 58 -5.10 3.42 6.17
CA TYR C 58 -4.53 2.08 5.96
C TYR C 58 -3.56 1.74 7.09
N ASN C 59 -3.41 0.42 7.34
CA ASN C 59 -2.50 -0.13 8.34
C ASN C 59 -1.36 -0.87 7.66
N PHE C 60 -0.09 -0.47 7.93
CA PHE C 60 1.11 -1.15 7.41
C PHE C 60 1.80 -1.83 8.60
N GLN C 61 1.83 -3.17 8.64
CA GLN C 61 2.56 -3.82 9.74
C GLN C 61 4.07 -3.55 9.59
N GLY C 62 4.77 -3.34 10.71
CA GLY C 62 6.22 -3.18 10.71
C GLY C 62 7.01 -4.35 11.26
N ASN C 63 6.37 -5.51 11.49
CA ASN C 63 7.00 -6.69 12.07
C ASN C 63 6.96 -7.91 11.14
N ASN C 64 6.84 -7.72 9.83
CA ASN C 64 6.96 -8.79 8.84
C ASN C 64 8.35 -8.72 8.21
N SER C 65 8.79 -9.84 7.65
CA SER C 65 9.99 -9.81 6.82
C SER C 65 9.66 -9.18 5.47
N GLU C 66 10.71 -8.95 4.67
CA GLU C 66 10.54 -8.56 3.27
C GLU C 66 10.36 -9.77 2.32
N GLY C 67 10.06 -10.97 2.85
CA GLY C 67 9.80 -12.17 2.03
C GLY C 67 8.34 -12.50 1.87
N ALA C 68 8.01 -13.80 1.98
CA ALA C 68 6.67 -14.29 1.62
C ALA C 68 5.59 -13.85 2.58
N ASP C 69 5.92 -13.57 3.82
CA ASP C 69 4.94 -13.04 4.76
C ASP C 69 4.78 -11.49 4.71
N ALA C 70 5.27 -10.78 3.67
CA ALA C 70 5.33 -9.30 3.71
C ALA C 70 3.96 -8.65 3.92
N GLN C 71 2.87 -9.23 3.35
CA GLN C 71 1.55 -8.58 3.38
C GLN C 71 0.69 -8.91 4.60
N SER C 72 1.25 -9.62 5.57
CA SER C 72 0.46 -10.18 6.65
C SER C 72 -0.07 -9.11 7.62
N GLY C 73 -1.40 -9.02 7.75
CA GLY C 73 -2.04 -8.07 8.62
C GLY C 73 -2.16 -6.65 8.06
N ASN C 74 -1.88 -6.44 6.80
CA ASN C 74 -2.00 -5.13 6.18
C ASN C 74 -3.42 -4.98 5.61
N LYS C 75 -4.00 -3.77 5.71
CA LYS C 75 -5.38 -3.64 5.25
C LYS C 75 -5.81 -2.17 5.23
N THR C 76 -6.79 -1.84 4.38
CA THR C 76 -7.56 -0.60 4.48
C THR C 76 -8.56 -0.66 5.64
N ARG C 77 -8.54 0.36 6.50
CA ARG C 77 -9.43 0.46 7.66
C ARG C 77 -10.71 1.28 7.38
N LEU C 78 -10.59 2.37 6.60
CA LEU C 78 -11.70 3.27 6.33
C LEU C 78 -11.65 3.66 4.86
N ALA C 79 -12.82 3.89 4.28
CA ALA C 79 -12.92 4.44 2.93
C ALA C 79 -14.37 4.86 2.66
N PHE C 80 -14.64 6.17 2.64
CA PHE C 80 -16.00 6.66 2.43
C PHE C 80 -15.99 8.09 1.90
N ALA C 81 -17.13 8.47 1.30
CA ALA C 81 -17.42 9.81 0.81
C ALA C 81 -18.79 10.22 1.35
N GLY C 82 -19.01 11.53 1.51
CA GLY C 82 -20.25 12.02 2.09
C GLY C 82 -20.57 13.48 1.80
N LEU C 83 -21.71 13.93 2.35
CA LEU C 83 -22.21 15.29 2.21
C LEU C 83 -22.72 15.79 3.56
N LYS C 84 -22.34 17.01 3.91
CA LYS C 84 -22.83 17.70 5.12
C LYS C 84 -23.78 18.84 4.74
N PHE C 85 -24.97 18.85 5.35
CA PHE C 85 -26.03 19.82 5.05
C PHE C 85 -26.19 20.76 6.25
N GLY C 86 -25.39 21.83 6.30
CA GLY C 86 -25.53 22.87 7.32
C GLY C 86 -25.88 22.36 8.71
N ASP C 87 -27.13 22.63 9.12
CA ASP C 87 -27.74 22.12 10.35
C ASP C 87 -28.45 20.79 10.18
N ALA C 88 -28.90 20.49 8.95
CA ALA C 88 -29.80 19.41 8.65
C ALA C 88 -29.11 18.02 8.46
N GLY C 89 -27.84 17.80 8.93
CA GLY C 89 -27.28 16.47 9.05
C GLY C 89 -26.10 16.18 8.12
N SER C 90 -25.74 14.88 8.09
CA SER C 90 -24.74 14.36 7.15
C SER C 90 -25.18 13.00 6.65
N PHE C 91 -24.70 12.65 5.46
CA PHE C 91 -24.86 11.31 4.90
C PHE C 91 -23.54 10.88 4.25
N ASP C 92 -23.06 9.65 4.53
CA ASP C 92 -21.91 9.11 3.81
C ASP C 92 -22.05 7.60 3.61
N TYR C 93 -21.34 7.07 2.61
CA TYR C 93 -21.41 5.67 2.25
C TYR C 93 -20.01 5.10 2.02
N GLY C 94 -19.78 3.90 2.56
CA GLY C 94 -18.53 3.15 2.28
C GLY C 94 -18.15 2.26 3.46
N ARG C 95 -16.83 2.10 3.69
CA ARG C 95 -16.30 1.38 4.85
C ARG C 95 -16.07 2.39 5.98
N ASN C 96 -16.78 2.21 7.10
CA ASN C 96 -16.88 3.18 8.19
C ASN C 96 -17.26 2.44 9.48
N TYR C 97 -17.49 3.19 10.57
CA TYR C 97 -17.82 2.63 11.89
C TYR C 97 -19.33 2.34 12.00
N GLY C 98 -19.70 1.14 12.49
CA GLY C 98 -21.11 0.85 12.81
C GLY C 98 -21.65 1.67 13.97
N LEU C 99 -22.97 1.90 13.99
CA LEU C 99 -23.51 2.79 15.03
C LEU C 99 -23.42 2.22 16.43
N VAL C 100 -23.33 0.89 16.61
CA VAL C 100 -23.23 0.42 17.98
C VAL C 100 -21.90 0.85 18.60
N TYR C 101 -20.87 1.16 17.77
CA TYR C 101 -19.61 1.69 18.31
C TYR C 101 -19.76 3.09 18.93
N ASP C 102 -20.84 3.82 18.63
CA ASP C 102 -21.12 5.08 19.34
C ASP C 102 -21.23 4.84 20.83
N ALA C 103 -21.68 3.65 21.25
CA ALA C 103 -21.71 3.32 22.67
C ALA C 103 -20.42 2.62 23.11
N ILE C 104 -19.98 1.60 22.35
CA ILE C 104 -18.82 0.78 22.74
C ILE C 104 -17.55 1.63 22.88
N GLY C 105 -17.47 2.74 22.14
CA GLY C 105 -16.30 3.62 22.19
C GLY C 105 -15.99 4.27 23.54
N ILE C 106 -16.98 4.38 24.45
CA ILE C 106 -16.80 5.21 25.65
C ILE C 106 -15.83 4.60 26.68
N THR C 107 -15.63 3.29 26.67
CA THR C 107 -14.60 2.67 27.50
C THR C 107 -13.35 2.28 26.69
N ASP C 108 -13.31 2.59 25.39
CA ASP C 108 -12.18 2.23 24.51
C ASP C 108 -11.12 3.34 24.53
N MET C 109 -10.49 3.50 25.70
CA MET C 109 -9.54 4.58 25.94
C MET C 109 -8.24 4.11 26.61
N LEU C 110 -7.96 2.83 26.67
CA LEU C 110 -6.75 2.38 27.32
C LEU C 110 -5.54 2.64 26.42
N PRO C 111 -4.31 2.63 26.96
CA PRO C 111 -3.13 2.90 26.11
C PRO C 111 -2.89 1.90 24.99
N GLU C 112 -3.18 0.59 25.20
CA GLU C 112 -2.97 -0.46 24.21
C GLU C 112 -4.13 -1.46 24.14
N PHE C 113 -4.68 -1.87 25.27
CA PHE C 113 -5.75 -2.85 25.20
C PHE C 113 -7.11 -2.13 25.26
N GLY C 114 -8.16 -2.83 25.68
CA GLY C 114 -9.51 -2.25 25.73
C GLY C 114 -10.23 -2.36 24.39
N GLY C 115 -11.50 -1.95 24.38
CA GLY C 115 -12.31 -1.98 23.18
C GLY C 115 -12.64 -3.36 22.66
N ASP C 116 -12.68 -4.40 23.53
CA ASP C 116 -12.67 -5.80 23.08
C ASP C 116 -13.96 -6.23 22.35
N THR C 117 -15.11 -5.61 22.64
CA THR C 117 -16.34 -6.02 21.95
C THR C 117 -16.56 -5.25 20.65
N GLY C 118 -15.74 -4.22 20.37
CA GLY C 118 -15.86 -3.56 19.08
C GLY C 118 -14.76 -4.00 18.11
N VAL C 119 -15.13 -4.78 17.09
CA VAL C 119 -14.18 -5.44 16.23
C VAL C 119 -14.61 -5.22 14.79
N SER C 120 -13.69 -5.52 13.88
CA SER C 120 -13.90 -5.28 12.46
C SER C 120 -14.67 -6.43 11.81
N ASP C 121 -15.51 -6.07 10.84
CA ASP C 121 -16.28 -7.01 10.04
C ASP C 121 -17.17 -7.87 10.95
N ASN C 122 -17.88 -7.17 11.84
CA ASN C 122 -18.70 -7.78 12.90
C ASN C 122 -20.06 -7.04 13.03
N PHE C 123 -20.81 -7.00 11.93
CA PHE C 123 -22.10 -6.31 11.83
C PHE C 123 -21.95 -4.83 12.17
N PHE C 124 -22.38 -4.37 13.36
CA PHE C 124 -22.38 -2.95 13.71
C PHE C 124 -21.45 -2.58 14.85
N SER C 125 -20.63 -3.52 15.33
CA SER C 125 -19.84 -3.18 16.51
C SER C 125 -18.52 -2.42 16.22
N GLY C 126 -18.01 -2.40 14.96
CA GLY C 126 -16.75 -1.72 14.63
C GLY C 126 -16.70 -1.26 13.18
N ARG C 127 -15.53 -1.39 12.56
CA ARG C 127 -15.44 -0.98 11.15
C ARG C 127 -16.00 -2.09 10.26
N THR C 128 -16.87 -1.72 9.32
CA THR C 128 -17.52 -2.70 8.44
C THR C 128 -17.68 -2.11 7.04
N GLY C 129 -17.62 -2.95 6.02
CA GLY C 129 -17.86 -2.47 4.66
C GLY C 129 -19.35 -2.33 4.30
N GLY C 130 -19.64 -1.36 3.45
CA GLY C 130 -20.96 -1.21 2.84
C GLY C 130 -22.02 -0.54 3.69
N LEU C 131 -21.62 0.44 4.53
CA LEU C 131 -22.53 1.12 5.45
C LEU C 131 -22.98 2.46 4.87
N ALA C 132 -24.29 2.72 4.93
CA ALA C 132 -24.88 4.01 4.58
C ALA C 132 -25.39 4.69 5.85
N THR C 133 -24.84 5.87 6.22
CA THR C 133 -25.05 6.45 7.55
C THR C 133 -25.58 7.90 7.51
N TYR C 134 -26.71 8.17 8.18
CA TYR C 134 -27.24 9.52 8.35
C TYR C 134 -27.09 9.91 9.81
N ARG C 135 -26.54 11.11 10.05
CA ARG C 135 -26.38 11.64 11.41
C ARG C 135 -26.93 13.05 11.48
N ASN C 136 -27.48 13.39 12.63
CA ASN C 136 -27.97 14.74 12.86
C ASN C 136 -27.55 15.14 14.25
N SER C 137 -26.61 16.09 14.31
CA SER C 137 -25.98 16.54 15.53
C SER C 137 -26.59 17.88 15.91
N GLY C 138 -27.09 17.98 17.13
CA GLY C 138 -27.72 19.19 17.60
C GLY C 138 -29.16 19.31 17.20
N PHE C 139 -29.72 18.25 16.62
CA PHE C 139 -31.16 18.12 16.35
C PHE C 139 -31.74 19.35 15.66
N PHE C 140 -31.22 19.61 14.46
CA PHE C 140 -31.78 20.60 13.54
C PHE C 140 -31.70 22.03 14.09
N GLY C 141 -30.78 22.27 15.01
CA GLY C 141 -30.59 23.57 15.63
C GLY C 141 -31.46 23.90 16.83
N LEU C 142 -32.27 22.96 17.36
CA LEU C 142 -33.13 23.25 18.49
C LEU C 142 -32.76 22.54 19.80
N VAL C 143 -32.48 21.23 19.81
CA VAL C 143 -32.09 20.57 21.07
C VAL C 143 -30.61 20.22 20.95
N ASP C 144 -29.73 21.19 21.25
CA ASP C 144 -28.32 20.88 21.13
C ASP C 144 -27.86 20.05 22.32
N GLY C 145 -26.79 19.28 22.07
CA GLY C 145 -26.34 18.30 23.01
C GLY C 145 -26.94 16.96 22.74
N LEU C 146 -27.98 16.90 21.88
CA LEU C 146 -28.73 15.70 21.55
C LEU C 146 -28.39 15.24 20.14
N ASN C 147 -27.77 14.05 20.03
CA ASN C 147 -27.27 13.52 18.76
C ASN C 147 -27.97 12.21 18.40
N PHE C 148 -28.24 12.01 17.11
CA PHE C 148 -29.01 10.87 16.64
C PHE C 148 -28.43 10.32 15.33
N GLY C 149 -28.53 9.01 15.13
CA GLY C 149 -28.09 8.40 13.89
C GLY C 149 -28.94 7.22 13.47
N VAL C 150 -28.97 6.96 12.16
CA VAL C 150 -29.64 5.81 11.59
C VAL C 150 -28.77 5.31 10.43
N GLN C 151 -28.77 3.99 10.21
CA GLN C 151 -27.76 3.38 9.37
C GLN C 151 -28.30 2.12 8.69
N TYR C 152 -27.96 1.93 7.41
CA TYR C 152 -28.30 0.70 6.68
C TYR C 152 -27.02 -0.04 6.27
N LEU C 153 -27.07 -1.39 6.37
CA LEU C 153 -25.94 -2.28 6.09
C LEU C 153 -26.31 -3.25 4.98
N GLY C 154 -25.56 -3.22 3.89
CA GLY C 154 -25.77 -4.14 2.79
C GLY C 154 -25.05 -5.46 3.01
N LYS C 155 -25.59 -6.48 2.35
CA LYS C 155 -25.06 -7.82 2.46
C LYS C 155 -23.59 -7.90 1.95
N ASN C 156 -22.71 -8.56 2.72
CA ASN C 156 -21.36 -8.95 2.32
C ASN C 156 -21.19 -10.46 2.48
N GLU C 157 -21.08 -11.18 1.35
CA GLU C 157 -20.87 -12.64 1.34
C GLU C 157 -19.38 -12.89 1.17
N ARG C 158 -18.68 -13.22 2.25
CA ARG C 158 -17.22 -13.35 2.12
C ARG C 158 -16.79 -14.81 2.26
N THR C 159 -15.58 -15.10 1.75
CA THR C 159 -15.03 -16.44 1.92
C THR C 159 -14.91 -16.80 3.41
N ASP C 160 -14.53 -15.85 4.25
CA ASP C 160 -14.52 -16.07 5.70
C ASP C 160 -15.91 -15.69 6.27
N ALA C 161 -16.65 -16.71 6.73
CA ALA C 161 -18.02 -16.51 7.21
C ALA C 161 -18.07 -15.71 8.51
N LEU C 162 -17.03 -15.81 9.34
CA LEU C 162 -16.96 -15.02 10.56
C LEU C 162 -16.81 -13.51 10.30
N ARG C 163 -16.52 -13.10 9.05
CA ARG C 163 -16.44 -11.69 8.68
C ARG C 163 -17.51 -11.32 7.65
N SER C 164 -18.60 -12.09 7.57
CA SER C 164 -19.65 -11.89 6.57
C SER C 164 -20.88 -11.31 7.25
N ASN C 165 -21.90 -10.95 6.46
CA ASN C 165 -23.16 -10.51 7.05
C ASN C 165 -24.24 -10.46 5.97
N GLY C 166 -25.51 -10.39 6.41
CA GLY C 166 -26.63 -10.02 5.57
C GLY C 166 -27.13 -8.61 5.90
N ASP C 167 -28.25 -8.24 5.24
CA ASP C 167 -28.83 -6.90 5.40
C ASP C 167 -29.24 -6.62 6.86
N GLY C 168 -29.22 -5.35 7.26
CA GLY C 168 -29.54 -4.92 8.61
C GLY C 168 -29.69 -3.40 8.70
N TRP C 169 -30.04 -2.93 9.89
CA TRP C 169 -30.24 -1.51 10.17
C TRP C 169 -29.79 -1.25 11.61
N ALA C 170 -29.41 0.01 11.89
CA ALA C 170 -28.99 0.36 13.25
C ALA C 170 -29.40 1.79 13.58
N THR C 171 -29.36 2.12 14.87
CA THR C 171 -29.73 3.47 15.29
C THR C 171 -29.04 3.77 16.62
N SER C 172 -28.82 5.05 16.90
CA SER C 172 -28.09 5.40 18.10
C SER C 172 -28.51 6.78 18.56
N LEU C 173 -28.19 7.08 19.82
CA LEU C 173 -28.62 8.34 20.37
C LEU C 173 -27.79 8.69 21.61
N SER C 174 -27.45 9.98 21.76
CA SER C 174 -26.61 10.40 22.88
C SER C 174 -26.91 11.85 23.26
N TYR C 175 -26.64 12.17 24.53
CA TYR C 175 -26.89 13.50 25.07
C TYR C 175 -25.77 13.88 26.02
N ASP C 176 -25.28 15.13 25.95
CA ASP C 176 -24.26 15.66 26.83
C ASP C 176 -24.67 16.99 27.44
N PHE C 177 -24.27 17.23 28.70
CA PHE C 177 -24.50 18.50 29.38
C PHE C 177 -23.61 18.54 30.61
N ASP C 178 -22.78 19.59 30.70
CA ASP C 178 -21.98 19.88 31.90
C ASP C 178 -20.97 18.78 32.20
N GLY C 179 -20.39 18.16 31.16
CA GLY C 179 -19.41 17.12 31.32
C GLY C 179 -19.96 15.71 31.47
N PHE C 180 -21.25 15.58 31.77
CA PHE C 180 -21.86 14.26 31.86
C PHE C 180 -22.45 13.90 30.51
N GLY C 181 -22.41 12.61 30.19
CA GLY C 181 -22.98 12.13 28.96
C GLY C 181 -23.61 10.76 29.16
N ILE C 182 -24.55 10.46 28.26
CA ILE C 182 -25.23 9.17 28.23
C ILE C 182 -25.49 8.83 26.77
N VAL C 183 -25.49 7.53 26.43
CA VAL C 183 -25.60 7.10 25.04
C VAL C 183 -26.25 5.71 24.97
N GLY C 184 -26.99 5.45 23.90
CA GLY C 184 -27.43 4.09 23.62
C GLY C 184 -27.51 3.80 22.13
N ALA C 185 -27.39 2.52 21.77
CA ALA C 185 -27.40 2.11 20.37
C ALA C 185 -27.90 0.66 20.24
N TYR C 186 -28.54 0.38 19.12
CA TYR C 186 -29.15 -0.89 18.84
C TYR C 186 -28.98 -1.16 17.36
N GLY C 187 -28.67 -2.40 17.00
CA GLY C 187 -28.69 -2.79 15.59
C GLY C 187 -29.09 -4.25 15.44
N ALA C 188 -29.59 -4.60 14.25
CA ALA C 188 -30.01 -5.96 13.93
C ALA C 188 -29.83 -6.26 12.44
N ALA C 189 -29.48 -7.52 12.14
CA ALA C 189 -29.26 -7.92 10.75
C ALA C 189 -29.48 -9.42 10.58
N ASP C 190 -29.71 -9.81 9.32
CA ASP C 190 -29.77 -11.22 8.92
C ASP C 190 -28.40 -11.87 8.93
N ARG C 191 -28.39 -13.18 9.19
CA ARG C 191 -27.18 -13.98 9.13
C ARG C 191 -27.20 -14.73 7.79
N THR C 192 -26.03 -15.08 7.27
CA THR C 192 -25.94 -15.75 5.99
C THR C 192 -25.98 -17.28 6.18
N ASN C 193 -26.24 -17.98 5.07
CA ASN C 193 -26.35 -19.43 5.11
C ASN C 193 -25.08 -20.05 5.65
N ALA C 194 -23.91 -19.50 5.26
CA ALA C 194 -22.64 -20.03 5.72
C ALA C 194 -22.44 -19.83 7.22
N GLN C 195 -22.96 -18.73 7.77
CA GLN C 195 -22.85 -18.51 9.20
C GLN C 195 -23.70 -19.51 9.98
N GLN C 196 -24.80 -19.98 9.38
CA GLN C 196 -25.69 -20.89 10.09
C GLN C 196 -25.23 -22.35 10.00
N ASN C 197 -24.16 -22.66 9.25
CA ASN C 197 -23.60 -24.00 9.24
C ASN C 197 -22.32 -24.08 10.04
N LEU C 198 -22.07 -23.13 10.93
CA LEU C 198 -20.87 -23.20 11.73
C LEU C 198 -21.14 -23.95 13.02
N GLN C 199 -20.06 -24.26 13.72
CA GLN C 199 -20.18 -25.14 14.86
C GLN C 199 -20.93 -24.47 16.02
N TRP C 200 -20.76 -23.16 16.23
CA TRP C 200 -21.44 -22.42 17.30
C TRP C 200 -22.41 -21.37 16.75
N GLY C 201 -23.56 -21.26 17.43
CA GLY C 201 -24.56 -20.26 17.11
C GLY C 201 -25.67 -20.72 16.20
N LYS C 202 -26.92 -20.53 16.63
CA LYS C 202 -28.11 -20.82 15.84
C LYS C 202 -29.11 -19.67 15.98
N GLY C 203 -29.86 -19.43 14.92
CA GLY C 203 -30.77 -18.29 14.83
C GLY C 203 -30.71 -17.61 13.46
N ASP C 204 -31.78 -16.89 13.13
CA ASP C 204 -31.85 -16.17 11.85
C ASP C 204 -31.38 -14.72 11.93
N LYS C 205 -31.23 -14.18 13.14
CA LYS C 205 -30.97 -12.77 13.36
C LYS C 205 -29.76 -12.57 14.25
N ALA C 206 -29.02 -11.51 13.92
CA ALA C 206 -27.91 -11.01 14.72
C ALA C 206 -28.36 -9.67 15.27
N GLU C 207 -28.10 -9.46 16.55
CA GLU C 207 -28.53 -8.25 17.23
C GLU C 207 -27.41 -7.79 18.13
N GLN C 208 -27.26 -6.48 18.25
CA GLN C 208 -26.25 -5.91 19.11
C GLN C 208 -26.81 -4.63 19.70
N TRP C 209 -26.60 -4.43 20.99
CA TRP C 209 -26.96 -3.14 21.57
C TRP C 209 -26.10 -2.86 22.79
N ALA C 210 -25.90 -1.58 23.08
CA ALA C 210 -25.15 -1.24 24.28
C ALA C 210 -25.56 0.15 24.72
N THR C 211 -25.26 0.42 25.98
CA THR C 211 -25.68 1.65 26.62
C THR C 211 -24.64 2.04 27.66
N GLY C 212 -24.44 3.35 27.85
CA GLY C 212 -23.37 3.76 28.75
C GLY C 212 -23.50 5.19 29.21
N LEU C 213 -22.63 5.54 30.17
CA LEU C 213 -22.62 6.81 30.89
C LEU C 213 -21.18 7.24 31.19
N LYS C 214 -20.95 8.56 31.21
CA LYS C 214 -19.61 9.09 31.40
C LYS C 214 -19.63 10.49 32.03
N TYR C 215 -18.51 10.82 32.68
CA TYR C 215 -18.17 12.19 33.06
C TYR C 215 -16.82 12.53 32.44
N ASP C 216 -16.76 13.61 31.68
CA ASP C 216 -15.58 13.93 30.89
C ASP C 216 -15.39 15.44 30.92
N ALA C 217 -14.65 15.90 31.91
CA ALA C 217 -14.40 17.32 32.14
C ALA C 217 -13.41 17.44 33.30
N ASN C 218 -12.77 18.61 33.37
CA ASN C 218 -11.87 18.99 34.46
C ASN C 218 -10.75 17.98 34.71
N ASN C 219 -10.14 17.50 33.61
CA ASN C 219 -9.03 16.53 33.61
C ASN C 219 -9.42 15.15 34.11
N ILE C 220 -10.71 14.84 34.15
CA ILE C 220 -11.20 13.60 34.74
C ILE C 220 -11.98 12.82 33.68
N TYR C 221 -11.70 11.54 33.55
CA TYR C 221 -12.52 10.73 32.65
C TYR C 221 -13.00 9.47 33.39
N LEU C 222 -14.32 9.28 33.44
CA LEU C 222 -14.93 8.04 33.91
C LEU C 222 -16.06 7.64 32.98
N ALA C 223 -16.18 6.33 32.76
CA ALA C 223 -17.23 5.83 31.91
C ALA C 223 -17.49 4.40 32.31
N ALA C 224 -18.73 3.97 32.08
CA ALA C 224 -19.17 2.61 32.34
C ALA C 224 -20.09 2.21 31.21
N LEU C 225 -20.04 0.92 30.83
CA LEU C 225 -20.74 0.41 29.65
C LEU C 225 -21.34 -0.97 29.93
N TYR C 226 -22.57 -1.22 29.46
CA TYR C 226 -23.18 -2.56 29.48
C TYR C 226 -23.92 -2.81 28.16
N GLY C 227 -23.84 -4.03 27.64
CA GLY C 227 -24.60 -4.39 26.45
C GLY C 227 -24.75 -5.89 26.28
N GLU C 228 -25.45 -6.29 25.20
CA GLU C 228 -25.71 -7.69 24.92
C GLU C 228 -25.72 -7.93 23.41
N MET C 229 -25.31 -9.15 23.03
CA MET C 229 -25.25 -9.58 21.65
C MET C 229 -25.87 -10.97 21.52
N ARG C 230 -26.69 -11.15 20.49
CA ARG C 230 -27.35 -12.43 20.17
C ARG C 230 -26.87 -12.91 18.82
N ASN C 231 -26.29 -14.11 18.80
CA ASN C 231 -25.77 -14.69 17.56
C ASN C 231 -24.74 -13.75 16.87
N ALA C 232 -24.04 -12.93 17.65
CA ALA C 232 -23.27 -11.85 17.03
C ALA C 232 -21.86 -11.65 17.58
N ALA C 233 -21.52 -12.08 18.80
CA ALA C 233 -20.15 -11.96 19.28
C ALA C 233 -19.32 -13.06 18.63
N ARG C 234 -18.23 -12.66 17.96
CA ARG C 234 -17.39 -13.59 17.20
C ARG C 234 -16.44 -14.31 18.14
N LEU C 235 -16.54 -15.65 18.15
CA LEU C 235 -15.64 -16.55 18.89
C LEU C 235 -14.86 -17.44 17.91
N ASP C 236 -13.99 -18.31 18.47
CA ASP C 236 -13.04 -19.06 17.66
C ASP C 236 -13.73 -19.98 16.66
N ASN C 237 -14.84 -20.63 17.08
CA ASN C 237 -15.48 -21.63 16.23
C ASN C 237 -16.89 -21.25 15.81
N GLY C 238 -17.19 -19.95 15.76
CA GLY C 238 -18.50 -19.48 15.38
C GLY C 238 -18.89 -18.32 16.27
N PHE C 239 -20.18 -18.20 16.56
CA PHE C 239 -20.75 -17.09 17.30
C PHE C 239 -21.41 -17.58 18.59
N ALA C 240 -21.31 -16.79 19.64
CA ALA C 240 -22.05 -17.06 20.87
C ALA C 240 -23.54 -16.82 20.67
N ASN C 241 -24.39 -17.66 21.28
CA ASN C 241 -25.84 -17.50 21.11
C ASN C 241 -26.34 -16.22 21.80
N LYS C 242 -25.87 -15.97 23.02
CA LYS C 242 -26.09 -14.69 23.70
C LYS C 242 -24.86 -14.38 24.55
N THR C 243 -24.67 -13.08 24.87
CA THR C 243 -23.57 -12.60 25.69
C THR C 243 -24.04 -11.48 26.61
N GLN C 244 -23.31 -11.31 27.71
CA GLN C 244 -23.45 -10.15 28.58
C GLN C 244 -22.08 -9.51 28.75
N ASP C 245 -21.99 -8.22 28.43
CA ASP C 245 -20.73 -7.50 28.28
C ASP C 245 -20.74 -6.27 29.16
N PHE C 246 -19.65 -6.06 29.89
CA PHE C 246 -19.52 -4.94 30.80
C PHE C 246 -18.07 -4.40 30.82
N SER C 247 -17.92 -3.07 30.90
CA SER C 247 -16.57 -2.52 31.12
C SER C 247 -16.64 -1.17 31.82
N VAL C 248 -15.54 -0.78 32.47
CA VAL C 248 -15.48 0.47 33.21
C VAL C 248 -14.03 0.96 33.27
N VAL C 249 -13.83 2.30 33.25
CA VAL C 249 -12.50 2.91 33.20
C VAL C 249 -12.48 4.21 34.00
N ALA C 250 -11.29 4.55 34.53
CA ALA C 250 -11.06 5.79 35.25
C ALA C 250 -9.67 6.32 34.93
N GLN C 251 -9.57 7.61 34.57
CA GLN C 251 -8.33 8.25 34.13
C GLN C 251 -8.25 9.68 34.65
N TYR C 252 -7.02 10.20 34.81
CA TYR C 252 -6.81 11.60 35.13
C TYR C 252 -5.62 12.17 34.37
N GLN C 253 -5.73 13.42 33.90
CA GLN C 253 -4.71 14.07 33.09
C GLN C 253 -4.00 15.16 33.88
N PHE C 254 -2.73 14.90 34.26
CA PHE C 254 -1.88 15.91 34.89
C PHE C 254 -1.34 16.88 33.85
N ASP C 255 -1.10 18.12 34.32
CA ASP C 255 -0.71 19.23 33.44
C ASP C 255 0.69 19.02 32.85
N PHE C 256 1.58 18.35 33.56
CA PHE C 256 2.92 18.08 33.07
C PHE C 256 3.02 16.88 32.11
N GLY C 257 1.90 16.27 31.72
CA GLY C 257 1.87 15.31 30.62
C GLY C 257 1.40 13.90 30.96
N LEU C 258 1.46 13.47 32.22
CA LEU C 258 1.18 12.08 32.55
C LEU C 258 -0.33 11.83 32.65
N ARG C 259 -0.78 10.65 32.23
CA ARG C 259 -2.21 10.31 32.28
C ARG C 259 -2.36 8.84 32.67
N PRO C 260 -2.54 8.57 33.96
CA PRO C 260 -2.73 7.18 34.40
C PRO C 260 -4.16 6.71 34.15
N SER C 261 -4.30 5.38 34.09
CA SER C 261 -5.54 4.73 33.69
C SER C 261 -5.68 3.41 34.43
N ILE C 262 -6.90 3.11 34.91
CA ILE C 262 -7.25 1.80 35.47
C ILE C 262 -8.60 1.36 34.92
N ALA C 263 -8.75 0.05 34.67
CA ALA C 263 -9.95 -0.44 33.99
C ALA C 263 -10.20 -1.90 34.34
N TYR C 264 -11.43 -2.36 34.05
CA TYR C 264 -11.86 -3.72 34.27
C TYR C 264 -12.85 -4.15 33.19
N TYR C 265 -12.66 -5.33 32.60
CA TYR C 265 -13.50 -5.82 31.50
C TYR C 265 -14.01 -7.22 31.83
N LYS C 266 -15.32 -7.45 31.73
CA LYS C 266 -15.83 -8.81 31.90
C LYS C 266 -16.98 -9.10 30.94
N SER C 267 -16.86 -10.19 30.16
CA SER C 267 -17.94 -10.65 29.29
C SER C 267 -18.18 -12.15 29.44
N LYS C 268 -19.46 -12.54 29.48
CA LYS C 268 -19.88 -13.93 29.68
C LYS C 268 -20.66 -14.42 28.45
N ALA C 269 -20.29 -15.59 27.91
CA ALA C 269 -21.04 -16.23 26.83
C ALA C 269 -22.05 -17.26 27.37
N LYS C 270 -23.19 -17.42 26.66
CA LYS C 270 -24.30 -18.25 27.11
C LYS C 270 -24.81 -19.20 26.03
N ASP C 271 -25.05 -20.46 26.44
CA ASP C 271 -25.66 -21.51 25.59
C ASP C 271 -24.86 -21.76 24.30
N VAL C 272 -23.57 -22.01 24.48
CA VAL C 272 -22.74 -22.44 23.35
C VAL C 272 -22.96 -23.94 23.20
N GLU C 273 -23.26 -24.35 21.96
CA GLU C 273 -23.53 -25.75 21.63
C GLU C 273 -22.46 -26.67 22.20
N GLY C 274 -22.88 -27.59 23.07
CA GLY C 274 -21.97 -28.55 23.63
C GLY C 274 -21.06 -28.03 24.72
N ILE C 275 -21.31 -26.82 25.22
CA ILE C 275 -20.36 -26.19 26.15
C ILE C 275 -21.09 -25.49 27.30
N GLY C 276 -22.20 -24.83 27.03
CA GLY C 276 -22.93 -24.13 28.07
C GLY C 276 -22.48 -22.67 28.25
N ASP C 277 -22.27 -22.26 29.50
CA ASP C 277 -21.89 -20.90 29.88
C ASP C 277 -20.42 -20.81 30.28
N GLU C 278 -19.80 -19.68 29.91
CA GLU C 278 -18.38 -19.49 30.14
C GLU C 278 -17.96 -18.06 29.82
N ASP C 279 -17.02 -17.53 30.61
CA ASP C 279 -16.45 -16.23 30.34
C ASP C 279 -15.57 -16.28 29.10
N TYR C 280 -15.64 -15.23 28.27
CA TYR C 280 -14.72 -15.10 27.15
C TYR C 280 -13.84 -13.84 27.20
N ILE C 281 -14.12 -12.88 28.10
CA ILE C 281 -13.21 -11.78 28.41
C ILE C 281 -13.26 -11.57 29.93
N ASN C 282 -12.10 -11.39 30.56
CA ASN C 282 -12.06 -11.09 32.00
C ASN C 282 -10.68 -10.60 32.46
N TYR C 283 -10.49 -9.30 32.66
CA TYR C 283 -9.17 -8.82 33.03
C TYR C 283 -9.25 -7.44 33.68
N ILE C 284 -8.20 -7.12 34.41
CA ILE C 284 -7.97 -5.81 35.00
C ILE C 284 -6.78 -5.20 34.24
N ASP C 285 -6.82 -3.88 34.01
CA ASP C 285 -5.82 -3.21 33.18
C ASP C 285 -5.34 -1.97 33.91
N ILE C 286 -4.03 -1.82 34.06
CA ILE C 286 -3.51 -0.61 34.67
C ILE C 286 -2.32 -0.13 33.82
N GLY C 287 -2.29 1.17 33.54
CA GLY C 287 -1.22 1.69 32.72
C GLY C 287 -1.20 3.21 32.71
N ALA C 288 -0.34 3.76 31.87
CA ALA C 288 -0.22 5.19 31.75
C ALA C 288 0.40 5.56 30.41
N THR C 289 0.00 6.73 29.87
CA THR C 289 0.63 7.37 28.73
C THR C 289 1.27 8.68 29.18
N TYR C 290 2.44 9.00 28.63
CA TYR C 290 3.07 10.29 28.85
C TYR C 290 3.14 11.04 27.53
N TYR C 291 2.45 12.18 27.45
CA TYR C 291 2.43 12.98 26.23
C TYR C 291 3.52 14.04 26.31
N PHE C 292 4.53 13.94 25.41
CA PHE C 292 5.55 14.98 25.31
C PHE C 292 4.99 16.25 24.66
N ASN C 293 4.10 16.10 23.67
CA ASN C 293 3.47 17.22 22.98
C ASN C 293 2.44 16.57 22.07
N LYS C 294 1.86 17.32 21.14
CA LYS C 294 0.77 16.70 20.38
C LYS C 294 1.26 15.75 19.30
N ASN C 295 2.59 15.62 19.13
CA ASN C 295 3.18 14.78 18.10
C ASN C 295 3.97 13.57 18.63
N MET C 296 4.21 13.47 19.93
CA MET C 296 5.10 12.43 20.46
C MET C 296 4.58 11.96 21.81
N SER C 297 4.63 10.66 22.05
CA SER C 297 4.11 10.11 23.29
C SER C 297 4.78 8.77 23.54
N THR C 298 4.59 8.23 24.74
CA THR C 298 5.08 6.92 25.11
C THR C 298 4.14 6.30 26.14
N TYR C 299 4.08 4.97 26.20
CA TYR C 299 3.12 4.35 27.11
C TYR C 299 3.58 2.98 27.57
N VAL C 300 2.98 2.55 28.70
CA VAL C 300 3.06 1.18 29.20
C VAL C 300 1.65 0.74 29.56
N ASP C 301 1.28 -0.47 29.16
CA ASP C 301 -0.05 -1.01 29.48
C ASP C 301 0.11 -2.41 30.03
N TYR C 302 -0.57 -2.69 31.13
CA TYR C 302 -0.43 -3.94 31.86
C TYR C 302 -1.79 -4.63 31.97
N GLN C 303 -1.96 -5.71 31.19
CA GLN C 303 -3.22 -6.46 31.19
C GLN C 303 -3.09 -7.65 32.15
N ILE C 304 -3.90 -7.66 33.19
CA ILE C 304 -3.85 -8.68 34.23
C ILE C 304 -5.03 -9.61 33.98
N ASN C 305 -4.75 -10.71 33.30
CA ASN C 305 -5.80 -11.65 32.92
C ASN C 305 -6.31 -12.37 34.17
N GLN C 306 -7.64 -12.51 34.29
CA GLN C 306 -8.23 -13.27 35.38
C GLN C 306 -9.12 -14.41 34.87
N LEU C 307 -8.93 -14.86 33.64
CA LEU C 307 -9.52 -16.13 33.22
C LEU C 307 -8.71 -17.29 33.80
N LYS C 308 -9.30 -18.48 33.82
CA LYS C 308 -8.63 -19.67 34.43
C LYS C 308 -8.18 -20.68 33.40
N ASP C 309 -7.36 -21.61 33.92
CA ASP C 309 -6.69 -22.63 33.10
C ASP C 309 -7.68 -23.62 32.51
N ASP C 310 -8.70 -23.99 33.27
CA ASP C 310 -9.71 -24.89 32.72
C ASP C 310 -10.67 -24.13 31.82
N ASN C 311 -10.20 -23.09 31.11
CA ASN C 311 -11.18 -22.30 30.37
C ASN C 311 -11.76 -23.20 29.30
N LYS C 312 -13.06 -23.11 29.18
CA LYS C 312 -13.85 -24.16 28.59
C LYS C 312 -14.19 -23.90 27.12
N LEU C 313 -13.93 -22.69 26.63
CA LEU C 313 -13.85 -22.37 25.20
C LEU C 313 -12.40 -22.32 24.71
N GLY C 314 -11.45 -22.73 25.54
CA GLY C 314 -10.05 -22.80 25.18
C GLY C 314 -9.34 -21.48 24.98
N ILE C 315 -9.81 -20.38 25.59
CA ILE C 315 -9.23 -19.03 25.42
C ILE C 315 -8.02 -18.87 26.35
N ASN C 316 -6.94 -18.30 25.81
CA ASN C 316 -5.69 -18.10 26.54
C ASN C 316 -5.89 -17.14 27.71
N ASN C 317 -5.06 -17.32 28.76
CA ASN C 317 -5.27 -16.66 30.05
C ASN C 317 -3.99 -16.06 30.65
N ASP C 318 -2.94 -15.86 29.86
CA ASP C 318 -1.72 -15.22 30.36
C ASP C 318 -1.87 -13.71 30.42
N ASP C 319 -0.91 -13.07 31.10
CA ASP C 319 -0.78 -11.62 31.19
C ASP C 319 0.02 -11.08 30.00
N THR C 320 -0.03 -9.75 29.83
CA THR C 320 0.85 -9.05 28.89
C THR C 320 1.18 -7.67 29.41
N VAL C 321 2.42 -7.23 29.20
CA VAL C 321 2.82 -5.83 29.34
C VAL C 321 3.18 -5.30 27.96
N ALA C 322 2.68 -4.11 27.62
CA ALA C 322 2.98 -3.47 26.35
C ALA C 322 3.77 -2.19 26.54
N VAL C 323 4.80 -1.98 25.72
CA VAL C 323 5.61 -0.77 25.77
C VAL C 323 5.61 -0.12 24.40
N GLY C 324 5.22 1.16 24.33
CA GLY C 324 5.02 1.82 23.05
C GLY C 324 5.70 3.17 23.03
N LEU C 325 6.18 3.54 21.83
CA LEU C 325 6.75 4.85 21.54
C LEU C 325 6.11 5.34 20.23
N VAL C 326 5.45 6.50 20.26
CA VAL C 326 4.54 6.93 19.18
C VAL C 326 4.98 8.29 18.62
N TYR C 327 5.29 8.32 17.31
CA TYR C 327 5.41 9.57 16.55
C TYR C 327 4.17 9.69 15.66
N GLN C 328 3.47 10.82 15.72
CA GLN C 328 2.26 11.00 14.89
C GLN C 328 2.20 12.42 14.33
N PHE C 329 1.52 12.57 13.18
CA PHE C 329 1.40 13.91 12.52
C PHE C 329 0.01 14.01 11.88
#